data_3ETS
#
_entry.id   3ETS
#
_cell.length_a   181.830
_cell.length_b   181.830
_cell.length_c   100.660
_cell.angle_alpha   90.00
_cell.angle_beta   90.00
_cell.angle_gamma   120.00
#
_symmetry.space_group_name_H-M   'P 32 1 2'
#
loop_
_entity.id
_entity.type
_entity.pdbx_description
1 polymer 'Arylsulfate sulfotransferase'
2 non-polymer 7-hydroxy-4-methyl-2H-chromen-2-one
3 non-polymer 'SULFATE ION'
4 water water
#
_entity_poly.entity_id   1
_entity_poly.type   'polypeptide(L)'
_entity_poly.pdbx_seq_one_letter_code
;AGFKPAPPAGQLGAVIVDPYGNAPLTALVDLDSHVISDVKVTVHGKGEKGVEISYPVGQESLKTYDGVPIFGLYQKFANK
VTVEWKENGKVMKDDYVVHTSAIVNNYMDNRSISDLQQTKVIKVAPGFEDRLYLVNTHTFTAQGSDLHWHGEKDKNAGIL
DAGPATGALPFDIAPFTFIVDTEGEYRWWLDQDTFYDGRDRDINKRGYLMGIRETPRGTFTAVQGQHWYEFDMMGQVLED
HKLPRGFADATHESIETPNGTVLLRVGKSNYRRDDGVHVTTIRDHILEVDKSGRVVDVWDLTKILDPKRDALLGALDAGA
VCVNVDLAHAGQQAKLEPDTPFGDALGVGPGRNWAHVNSIAYDAKDDSIILSSRHQGVVKIGRDKQVKWILAPSKGWEKP
LASKLLKPVDANGKPITCNENGLCENSDFDFTYTQ(HS8)TAWISSKGTLTIFDNGDGRHLEQPALPTMKYSRFVEYKID
EKKGTVQQVWEYGKERGYDFYSPITSIIEYQADRNTMFGFGGSIHLFDVGQPTVGKLNEIDYKTKEVKVEIDVLSDKPNQ
THYRALLVRPQQMFK
;
_entity_poly.pdbx_strand_id   A,B
#
loop_
_chem_comp.id
_chem_comp.type
_chem_comp.name
_chem_comp.formula
4MU non-polymer 7-hydroxy-4-methyl-2H-chromen-2-one 'C10 H8 O3'
SO4 non-polymer 'SULFATE ION' 'O4 S -2'
#
# COMPACT_ATOMS: atom_id res chain seq x y z
CA ALA A 1 15.39 27.40 19.39
C ALA A 1 15.60 28.44 18.18
N GLY A 2 14.90 28.25 17.06
CA GLY A 2 15.08 29.12 15.86
C GLY A 2 13.77 29.78 15.46
N PHE A 3 12.94 29.06 14.70
CA PHE A 3 11.55 29.41 14.49
C PHE A 3 10.66 28.42 15.23
N LYS A 4 9.83 28.92 16.11
CA LYS A 4 8.97 28.05 16.90
C LYS A 4 7.79 27.55 16.08
N PRO A 5 7.26 26.39 16.47
CA PRO A 5 6.03 25.83 15.95
C PRO A 5 4.82 26.64 16.37
N ALA A 6 3.73 26.49 15.66
CA ALA A 6 2.47 27.04 16.10
C ALA A 6 2.25 26.63 17.55
N PRO A 7 1.82 27.58 18.41
CA PRO A 7 1.49 27.31 19.81
C PRO A 7 0.13 26.68 19.95
N PRO A 8 -0.18 26.06 21.09
CA PRO A 8 -1.52 25.51 21.29
C PRO A 8 -2.63 26.56 21.12
N ALA A 9 -3.71 26.17 20.46
CA ALA A 9 -4.82 27.08 20.16
C ALA A 9 -5.74 27.23 21.38
N GLY A 10 -6.13 26.10 21.95
CA GLY A 10 -6.88 26.07 23.19
C GLY A 10 -6.31 25.17 24.26
N GLN A 11 -7.01 24.07 24.52
CA GLN A 11 -6.62 23.10 25.51
C GLN A 11 -5.93 21.84 24.92
N LEU A 12 -5.86 21.73 23.60
CA LEU A 12 -5.03 20.70 22.99
C LEU A 12 -3.84 21.35 22.35
N GLY A 13 -3.52 21.00 21.10
CA GLY A 13 -2.34 21.56 20.43
C GLY A 13 -2.71 22.66 19.46
N ALA A 14 -1.76 23.00 18.59
CA ALA A 14 -1.99 23.94 17.51
C ALA A 14 -3.06 23.39 16.58
N VAL A 15 -3.60 24.28 15.77
CA VAL A 15 -4.60 23.91 14.75
C VAL A 15 -3.98 24.24 13.41
N ILE A 16 -3.60 23.20 12.68
CA ILE A 16 -2.88 23.32 11.39
C ILE A 16 -3.87 23.23 10.22
N VAL A 17 -3.71 24.13 9.28
CA VAL A 17 -4.57 24.10 8.11
C VAL A 17 -3.91 23.27 6.98
N ASP A 18 -4.65 22.32 6.44
CA ASP A 18 -4.20 21.50 5.32
C ASP A 18 -2.87 20.78 5.67
N PRO A 19 -2.89 19.93 6.71
CA PRO A 19 -1.68 19.37 7.25
C PRO A 19 -0.86 18.58 6.22
N TYR A 20 -1.54 17.75 5.44
CA TYR A 20 -0.89 17.04 4.33
C TYR A 20 -0.64 17.85 3.07
N GLY A 21 -1.23 19.02 2.96
CA GLY A 21 -0.93 19.89 1.84
C GLY A 21 -1.73 19.63 0.56
N ASN A 22 -2.74 18.77 0.64
CA ASN A 22 -3.57 18.47 -0.53
C ASN A 22 -5.04 18.86 -0.42
N ALA A 23 -5.44 19.35 0.76
CA ALA A 23 -6.84 19.63 1.10
C ALA A 23 -6.92 20.89 1.92
N PRO A 24 -6.95 22.05 1.24
CA PRO A 24 -6.94 23.40 1.83
C PRO A 24 -8.17 23.84 2.63
N LEU A 25 -9.24 23.06 2.56
CA LEU A 25 -10.44 23.31 3.36
C LEU A 25 -10.57 22.30 4.52
N THR A 26 -9.43 21.80 4.95
CA THR A 26 -9.35 20.95 6.12
C THR A 26 -8.34 21.52 7.08
N ALA A 27 -8.41 21.03 8.30
CA ALA A 27 -7.47 21.43 9.33
C ALA A 27 -7.29 20.27 10.29
N LEU A 28 -6.35 20.43 11.18
CA LEU A 28 -6.08 19.41 12.18
C LEU A 28 -5.76 20.07 13.50
N VAL A 29 -6.40 19.57 14.55
CA VAL A 29 -6.03 20.00 15.91
C VAL A 29 -5.00 19.03 16.48
N ASP A 30 -3.77 19.51 16.61
CA ASP A 30 -2.72 18.69 17.17
C ASP A 30 -3.09 18.18 18.56
N LEU A 31 -2.79 16.93 18.80
CA LEU A 31 -3.13 16.27 20.06
C LEU A 31 -2.23 16.75 21.18
N ASP A 32 -1.00 17.06 20.84
CA ASP A 32 0.03 17.48 21.80
C ASP A 32 0.09 16.51 23.01
N SER A 33 0.14 15.22 22.72
CA SER A 33 0.31 14.19 23.77
C SER A 33 -0.84 14.11 24.77
N HIS A 34 -1.95 14.79 24.49
CA HIS A 34 -3.19 14.63 25.29
C HIS A 34 -3.86 13.30 24.99
N VAL A 35 -4.41 12.67 26.03
CA VAL A 35 -5.12 11.39 25.85
C VAL A 35 -6.61 11.61 25.93
N ILE A 36 -7.28 11.52 24.79
CA ILE A 36 -8.69 11.92 24.68
C ILE A 36 -9.57 10.83 24.03
N SER A 37 -10.87 10.96 24.24
CA SER A 37 -11.86 10.05 23.71
C SER A 37 -13.20 10.77 23.51
N ASP A 38 -14.19 10.04 23.00
CA ASP A 38 -15.51 10.62 22.79
CA ASP A 38 -15.53 10.56 22.63
C ASP A 38 -15.45 11.92 21.96
N VAL A 39 -14.61 11.97 20.94
CA VAL A 39 -14.38 13.22 20.21
C VAL A 39 -15.48 13.48 19.20
N LYS A 40 -15.90 14.75 19.16
CA LYS A 40 -16.93 15.20 18.22
C LYS A 40 -16.55 16.58 17.70
N VAL A 41 -16.62 16.70 16.37
CA VAL A 41 -16.36 17.97 15.71
C VAL A 41 -17.63 18.54 15.10
N THR A 42 -17.72 19.87 15.14
CA THR A 42 -18.83 20.65 14.53
C THR A 42 -18.24 21.87 13.84
N VAL A 43 -18.44 21.93 12.52
CA VAL A 43 -18.12 23.13 11.74
C VAL A 43 -19.46 23.88 11.50
N HIS A 44 -19.54 25.12 11.98
CA HIS A 44 -20.81 25.86 11.92
C HIS A 44 -21.02 26.43 10.52
N GLY A 45 -22.30 26.52 10.13
CA GLY A 45 -22.70 27.08 8.86
C GLY A 45 -22.28 28.53 8.71
N LYS A 46 -22.07 28.97 7.48
CA LYS A 46 -21.74 30.34 7.20
C LYS A 46 -23.06 31.08 6.97
N GLY A 47 -23.28 32.08 7.83
CA GLY A 47 -24.43 32.93 7.72
C GLY A 47 -25.74 32.27 8.05
N GLU A 48 -26.79 32.91 7.56
CA GLU A 48 -28.19 32.63 7.90
C GLU A 48 -28.62 31.19 7.55
N LYS A 49 -28.52 30.79 6.29
CA LYS A 49 -28.96 29.46 5.85
C LYS A 49 -27.81 28.42 5.74
N GLY A 50 -26.64 28.75 6.29
CA GLY A 50 -25.45 27.91 6.20
C GLY A 50 -25.64 26.53 6.82
N VAL A 51 -25.20 25.49 6.09
CA VAL A 51 -25.22 24.09 6.56
C VAL A 51 -24.06 23.78 7.55
N GLU A 52 -24.43 23.38 8.76
CA GLU A 52 -23.51 22.92 9.77
C GLU A 52 -23.05 21.54 9.38
N ILE A 53 -21.79 21.21 9.68
CA ILE A 53 -21.23 19.86 9.41
C ILE A 53 -20.73 19.29 10.74
N SER A 54 -21.24 18.11 11.08
CA SER A 54 -20.90 17.49 12.36
C SER A 54 -20.59 16.01 12.21
N TYR A 55 -19.65 15.52 13.03
CA TYR A 55 -19.23 14.11 12.99
C TYR A 55 -18.43 13.70 14.23
N PRO A 56 -18.48 12.42 14.59
CA PRO A 56 -17.60 11.81 15.59
C PRO A 56 -16.26 11.45 14.97
N VAL A 57 -15.23 11.34 15.79
CA VAL A 57 -13.89 10.97 15.31
C VAL A 57 -13.34 9.80 16.08
N GLY A 58 -13.05 8.69 15.39
CA GLY A 58 -12.52 7.47 16.02
C GLY A 58 -11.07 7.47 16.49
N GLN A 59 -10.74 6.49 17.31
CA GLN A 59 -9.36 6.38 17.84
C GLN A 59 -8.30 6.14 16.77
N GLU A 60 -8.60 5.29 15.80
CA GLU A 60 -7.72 5.09 14.66
C GLU A 60 -7.34 6.41 13.97
N SER A 61 -8.32 7.29 13.82
CA SER A 61 -8.07 8.58 13.17
C SER A 61 -7.20 9.48 14.03
N LEU A 62 -7.56 9.56 15.31
CA LEU A 62 -6.76 10.32 16.30
C LEU A 62 -5.33 9.91 16.26
N LYS A 63 -5.12 8.60 16.28
CA LYS A 63 -3.78 8.04 16.22
C LYS A 63 -3.07 8.27 14.89
N THR A 64 -3.80 8.18 13.78
CA THR A 64 -3.19 8.32 12.45
C THR A 64 -2.75 9.74 12.17
N TYR A 65 -3.60 10.68 12.55
CA TYR A 65 -3.37 12.09 12.33
C TYR A 65 -2.62 12.75 13.44
N ASP A 66 -2.53 12.06 14.56
CA ASP A 66 -1.93 12.63 15.77
C ASP A 66 -2.67 13.93 16.13
N GLY A 67 -4.00 13.86 16.01
CA GLY A 67 -4.82 15.02 16.16
C GLY A 67 -6.24 14.84 15.70
N VAL A 68 -7.03 15.89 15.89
CA VAL A 68 -8.48 15.85 15.54
C VAL A 68 -8.68 16.44 14.13
N PRO A 69 -9.22 15.63 13.23
CA PRO A 69 -9.43 16.03 11.84
C PRO A 69 -10.58 17.04 11.77
N ILE A 70 -10.34 18.18 11.13
CA ILE A 70 -11.39 19.17 10.92
C ILE A 70 -11.71 19.22 9.43
N PHE A 71 -12.89 18.74 9.11
CA PHE A 71 -13.43 18.68 7.77
C PHE A 71 -14.68 19.60 7.56
N GLY A 72 -14.79 20.20 6.39
CA GLY A 72 -15.97 20.95 6.01
C GLY A 72 -15.90 22.46 6.11
N LEU A 73 -14.69 23.01 6.10
CA LEU A 73 -14.52 24.41 6.11
C LEU A 73 -14.96 25.05 4.80
N TYR A 74 -15.20 26.35 4.87
CA TYR A 74 -15.43 27.18 3.72
C TYR A 74 -14.11 27.85 3.38
N GLN A 75 -13.97 28.26 2.12
CA GLN A 75 -12.77 28.89 1.65
C GLN A 75 -12.71 30.36 2.06
N LYS A 76 -11.50 30.88 2.22
CA LYS A 76 -11.30 32.32 2.38
C LYS A 76 -12.26 32.87 3.46
N PHE A 77 -12.32 32.17 4.57
CA PHE A 77 -13.27 32.44 5.57
C PHE A 77 -12.76 32.17 6.98
N ALA A 78 -13.34 32.88 7.97
CA ALA A 78 -13.06 32.66 9.37
C ALA A 78 -14.05 31.64 9.91
N ASN A 79 -13.75 30.36 9.72
CA ASN A 79 -14.67 29.29 10.09
C ASN A 79 -14.67 29.21 11.58
N LYS A 80 -15.85 28.88 12.11
CA LYS A 80 -16.04 28.69 13.53
C LYS A 80 -16.23 27.19 13.72
N VAL A 81 -15.40 26.63 14.61
CA VAL A 81 -15.37 25.19 14.79
C VAL A 81 -15.44 24.87 16.27
N THR A 82 -16.23 23.87 16.61
CA THR A 82 -16.28 23.40 17.96
C THR A 82 -15.81 21.96 18.05
N VAL A 83 -14.91 21.72 18.99
CA VAL A 83 -14.41 20.38 19.27
C VAL A 83 -14.76 20.00 20.72
N GLU A 84 -15.43 18.87 20.85
CA GLU A 84 -15.74 18.32 22.15
C GLU A 84 -15.06 16.95 22.36
N TRP A 85 -14.58 16.74 23.57
CA TRP A 85 -13.99 15.46 23.93
C TRP A 85 -14.10 15.14 25.41
N LYS A 86 -13.64 13.95 25.76
CA LYS A 86 -13.51 13.50 27.15
C LYS A 86 -12.03 13.26 27.49
N GLU A 87 -11.61 13.76 28.63
CA GLU A 87 -10.23 13.65 29.04
C GLU A 87 -10.12 13.59 30.57
N ASN A 88 -9.57 12.50 31.07
CA ASN A 88 -9.47 12.20 32.49
C ASN A 88 -10.85 12.16 33.05
N GLY A 89 -11.78 11.61 32.29
CA GLY A 89 -13.19 11.56 32.71
C GLY A 89 -13.92 12.89 32.76
N LYS A 90 -13.20 14.02 32.61
CA LYS A 90 -13.82 15.35 32.51
C LYS A 90 -14.33 15.67 31.07
N VAL A 91 -15.45 16.40 30.98
CA VAL A 91 -15.96 16.88 29.67
C VAL A 91 -15.29 18.19 29.26
N MET A 92 -14.85 18.23 28.00
CA MET A 92 -14.02 19.30 27.50
C MET A 92 -14.56 19.81 26.19
N LYS A 93 -14.35 21.10 25.94
CA LYS A 93 -14.84 21.76 24.73
C LYS A 93 -13.93 22.92 24.37
N ASP A 94 -13.66 23.05 23.09
CA ASP A 94 -12.95 24.21 22.54
C ASP A 94 -13.71 24.74 21.34
N ASP A 95 -13.65 26.05 21.19
CA ASP A 95 -14.18 26.75 20.05
C ASP A 95 -13.00 27.39 19.38
N TYR A 96 -12.84 27.10 18.11
CA TYR A 96 -11.74 27.61 17.35
C TYR A 96 -12.25 28.43 16.19
N VAL A 97 -11.54 29.50 15.89
CA VAL A 97 -11.73 30.25 14.67
C VAL A 97 -10.59 29.86 13.70
N VAL A 98 -10.97 29.12 12.68
CA VAL A 98 -10.05 28.56 11.72
C VAL A 98 -10.17 29.26 10.39
N HIS A 99 -9.26 30.19 10.13
CA HIS A 99 -9.13 30.85 8.82
C HIS A 99 -8.55 29.93 7.73
N THR A 100 -9.14 30.02 6.54
CA THR A 100 -8.76 29.29 5.36
C THR A 100 -8.29 30.21 4.22
N SER A 101 -7.64 29.62 3.22
CA SER A 101 -7.27 30.34 2.03
C SER A 101 -8.24 29.96 0.92
N ALA A 102 -7.87 30.34 -0.28
CA ALA A 102 -8.72 30.18 -1.46
C ALA A 102 -8.50 28.87 -2.20
N ILE A 103 -9.52 28.44 -2.93
CA ILE A 103 -9.48 27.32 -3.84
C ILE A 103 -8.95 27.83 -5.18
N VAL A 104 -7.98 27.11 -5.76
CA VAL A 104 -7.30 27.54 -7.03
C VAL A 104 -7.50 26.55 -8.14
N ASN A 105 -7.96 27.05 -9.28
CA ASN A 105 -7.94 26.27 -10.51
C ASN A 105 -6.71 26.60 -11.27
N ASN A 106 -5.85 25.58 -11.41
CA ASN A 106 -4.56 25.74 -12.09
C ASN A 106 -4.62 25.56 -13.61
N TYR A 107 -5.79 25.21 -14.15
CA TYR A 107 -5.95 25.01 -15.60
C TYR A 107 -7.02 25.90 -16.25
N MET A 108 -6.63 27.13 -16.53
CA MET A 108 -7.45 28.08 -17.22
C MET A 108 -6.88 28.63 -18.51
N ASP A 109 -7.78 28.94 -19.44
CA ASP A 109 -7.39 29.56 -20.72
C ASP A 109 -8.59 30.31 -21.29
N ASN A 110 -8.49 30.73 -22.54
CA ASN A 110 -9.50 31.57 -23.16
C ASN A 110 -10.87 30.91 -23.27
N ARG A 111 -10.96 29.61 -22.99
CA ARG A 111 -12.23 28.92 -22.92
C ARG A 111 -12.91 29.07 -21.56
N SER A 112 -12.18 29.57 -20.59
CA SER A 112 -12.65 29.59 -19.22
C SER A 112 -13.78 30.59 -19.10
N ILE A 113 -14.89 30.13 -18.55
CA ILE A 113 -16.00 31.01 -18.21
C ILE A 113 -15.62 31.83 -16.95
N SER A 114 -15.20 31.12 -15.93
CA SER A 114 -14.48 31.70 -14.80
C SER A 114 -13.63 30.60 -14.18
N ASP A 115 -13.06 30.88 -13.02
CA ASP A 115 -12.10 29.94 -12.40
C ASP A 115 -12.73 28.66 -11.83
N LEU A 116 -13.86 28.78 -11.16
CA LEU A 116 -14.49 27.62 -10.52
C LEU A 116 -15.77 27.24 -11.22
N GLN A 117 -16.19 26.00 -11.04
CA GLN A 117 -17.46 25.55 -11.57
C GLN A 117 -18.62 26.08 -10.72
N GLN A 118 -19.67 26.57 -11.38
CA GLN A 118 -20.78 27.23 -10.72
C GLN A 118 -21.85 26.23 -10.31
N THR A 119 -22.42 26.49 -9.15
CA THR A 119 -23.46 25.61 -8.57
C THR A 119 -24.82 26.42 -8.48
N LYS A 120 -25.90 25.75 -8.81
CA LYS A 120 -27.24 26.29 -8.74
C LYS A 120 -28.10 25.32 -7.98
N VAL A 121 -28.57 25.75 -6.82
CA VAL A 121 -29.49 24.94 -6.01
C VAL A 121 -30.92 25.10 -6.52
N ILE A 122 -31.51 24.00 -6.90
CA ILE A 122 -32.84 24.01 -7.53
C ILE A 122 -33.93 23.55 -6.53
N LYS A 123 -33.65 22.55 -5.73
CA LYS A 123 -34.62 21.97 -4.82
C LYS A 123 -33.94 21.22 -3.67
N VAL A 124 -34.35 21.54 -2.45
CA VAL A 124 -33.90 20.86 -1.24
C VAL A 124 -35.09 20.67 -0.28
N ALA A 125 -35.71 19.50 -0.36
CA ALA A 125 -36.78 19.07 0.55
C ALA A 125 -36.33 19.12 1.99
N PRO A 126 -37.26 19.48 2.89
CA PRO A 126 -36.94 19.46 4.31
C PRO A 126 -36.43 18.06 4.72
N GLY A 127 -35.45 18.04 5.61
CA GLY A 127 -34.80 16.79 6.05
C GLY A 127 -33.66 16.32 5.13
N PHE A 128 -33.32 17.14 4.15
CA PHE A 128 -32.21 16.87 3.26
C PHE A 128 -31.21 18.00 3.22
N GLU A 129 -31.23 18.86 4.24
CA GLU A 129 -30.37 20.03 4.26
C GLU A 129 -28.92 19.70 4.56
N ASP A 130 -28.72 18.55 5.18
CA ASP A 130 -27.41 18.14 5.65
C ASP A 130 -26.56 17.39 4.58
N ARG A 131 -27.19 17.02 3.48
CA ARG A 131 -26.54 16.21 2.49
C ARG A 131 -25.24 16.81 1.92
N LEU A 132 -24.24 15.94 1.71
CA LEU A 132 -22.97 16.34 1.09
C LEU A 132 -22.67 15.49 -0.12
N TYR A 133 -22.15 16.12 -1.16
CA TYR A 133 -21.91 15.39 -2.43
C TYR A 133 -20.54 15.71 -2.96
N LEU A 134 -19.80 14.64 -3.24
CA LEU A 134 -18.47 14.74 -3.79
C LEU A 134 -18.63 14.67 -5.26
N VAL A 135 -18.18 15.73 -5.94
CA VAL A 135 -18.23 15.81 -7.37
C VAL A 135 -16.86 15.52 -8.02
N ASN A 136 -16.85 14.45 -8.80
CA ASN A 136 -15.70 14.00 -9.54
C ASN A 136 -15.78 14.51 -10.96
N THR A 137 -15.25 15.71 -11.18
CA THR A 137 -15.32 16.34 -12.48
C THR A 137 -13.92 16.82 -12.90
N HIS A 138 -13.83 17.47 -14.06
CA HIS A 138 -12.55 17.75 -14.65
C HIS A 138 -12.56 19.03 -15.44
N THR A 139 -11.40 19.45 -15.91
CA THR A 139 -11.25 20.71 -16.60
C THR A 139 -10.17 20.57 -17.65
N PHE A 140 -10.45 20.97 -18.87
CA PHE A 140 -9.51 20.91 -19.98
C PHE A 140 -8.23 21.63 -19.66
N THR A 141 -7.13 20.99 -20.08
CA THR A 141 -5.81 21.62 -20.06
C THR A 141 -5.60 22.40 -21.35
N ALA A 142 -4.74 23.40 -21.29
CA ALA A 142 -4.44 24.26 -22.42
C ALA A 142 -3.99 23.50 -23.67
N GLN A 143 -3.11 22.54 -23.46
CA GLN A 143 -2.46 21.84 -24.58
C GLN A 143 -3.34 20.72 -25.14
N GLY A 144 -4.20 20.14 -24.31
CA GLY A 144 -4.98 19.00 -24.74
C GLY A 144 -4.13 17.76 -24.68
N SER A 145 -4.54 16.75 -25.42
CA SER A 145 -3.83 15.47 -25.49
C SER A 145 -2.51 15.70 -26.16
N ASP A 146 -1.41 15.33 -25.50
CA ASP A 146 -0.07 15.55 -26.08
C ASP A 146 0.84 14.33 -26.21
N LEU A 147 0.42 13.18 -25.65
CA LEU A 147 1.18 11.95 -25.71
C LEU A 147 0.34 10.73 -26.08
N HIS A 148 1.00 9.83 -26.80
CA HIS A 148 0.48 8.55 -27.32
C HIS A 148 1.40 7.40 -26.93
N TRP A 149 0.82 6.21 -26.69
CA TRP A 149 1.65 5.01 -26.64
C TRP A 149 2.13 4.73 -28.07
N HIS A 150 3.33 4.20 -28.20
CA HIS A 150 3.85 3.72 -29.49
C HIS A 150 3.40 2.27 -29.69
N GLY A 151 2.83 2.00 -30.87
CA GLY A 151 2.33 0.67 -31.21
C GLY A 151 3.30 -0.07 -32.12
N GLU A 152 2.87 -1.21 -32.64
CA GLU A 152 3.67 -1.95 -33.62
C GLU A 152 3.18 -1.65 -35.05
N LYS A 153 4.13 -1.30 -35.91
CA LYS A 153 3.85 -1.01 -37.33
C LYS A 153 3.19 -2.20 -38.04
N ASP A 154 2.12 -1.91 -38.77
CA ASP A 154 1.35 -2.96 -39.45
C ASP A 154 2.00 -3.22 -40.81
N LYS A 155 2.03 -4.50 -41.23
CA LYS A 155 2.70 -4.92 -42.48
C LYS A 155 2.02 -4.40 -43.78
N ASN A 156 0.76 -4.00 -43.68
CA ASN A 156 0.08 -3.37 -44.76
CA ASN A 156 -0.01 -3.34 -44.77
C ASN A 156 0.30 -1.84 -44.82
N ALA A 157 1.24 -1.37 -44.02
CA ALA A 157 1.58 0.06 -43.90
C ALA A 157 2.85 0.35 -44.69
N GLY A 158 3.07 1.63 -44.97
CA GLY A 158 4.18 2.09 -45.82
C GLY A 158 5.55 1.84 -45.26
N ILE A 159 6.47 1.49 -46.15
CA ILE A 159 7.82 1.15 -45.75
C ILE A 159 8.50 2.32 -45.00
N LEU A 160 8.32 3.54 -45.51
CA LEU A 160 8.96 4.73 -44.94
C LEU A 160 8.27 5.26 -43.67
N ASP A 161 7.05 4.82 -43.41
CA ASP A 161 6.22 5.38 -42.34
C ASP A 161 6.76 5.12 -40.95
N ALA A 162 6.59 6.11 -40.08
CA ALA A 162 6.89 5.94 -38.68
C ALA A 162 5.82 5.02 -38.07
N GLY A 163 6.16 4.41 -36.94
CA GLY A 163 5.25 3.48 -36.27
C GLY A 163 3.99 4.18 -35.83
N PRO A 164 2.91 3.42 -35.69
CA PRO A 164 1.63 3.98 -35.28
C PRO A 164 1.54 4.18 -33.79
N ALA A 165 0.43 4.79 -33.37
CA ALA A 165 0.08 4.87 -31.96
C ALA A 165 -0.81 3.67 -31.61
N THR A 166 -0.96 3.42 -30.31
CA THR A 166 -1.83 2.36 -29.79
C THR A 166 -2.36 2.80 -28.40
N GLY A 167 -3.32 2.04 -27.87
CA GLY A 167 -3.85 2.32 -26.55
C GLY A 167 -4.61 3.65 -26.43
N ALA A 168 -4.63 4.21 -25.22
CA ALA A 168 -5.46 5.39 -24.90
C ALA A 168 -4.74 6.39 -23.96
N LEU A 169 -3.49 6.72 -24.25
CA LEU A 169 -2.76 7.65 -23.42
C LEU A 169 -3.40 9.05 -23.43
N PRO A 170 -3.94 9.48 -24.58
CA PRO A 170 -4.57 10.80 -24.68
C PRO A 170 -5.78 11.03 -23.76
N PHE A 171 -6.34 9.96 -23.24
CA PHE A 171 -7.45 10.05 -22.28
C PHE A 171 -6.95 10.70 -20.99
N ASP A 172 -6.84 12.02 -21.02
CA ASP A 172 -6.05 12.75 -20.03
C ASP A 172 -6.60 14.16 -19.83
N ILE A 173 -6.87 14.53 -18.59
CA ILE A 173 -7.52 15.80 -18.28
C ILE A 173 -7.32 16.20 -16.82
N ALA A 174 -7.13 17.50 -16.56
CA ALA A 174 -7.01 17.97 -15.20
C ALA A 174 -8.25 17.66 -14.39
N PRO A 175 -8.08 17.26 -13.10
CA PRO A 175 -9.19 16.97 -12.22
C PRO A 175 -9.75 18.25 -11.56
N PHE A 176 -11.03 18.19 -11.16
CA PHE A 176 -11.73 19.27 -10.47
C PHE A 176 -12.61 18.61 -9.43
N THR A 177 -12.12 18.52 -8.22
CA THR A 177 -12.62 17.58 -7.24
C THR A 177 -13.00 18.35 -5.98
N PHE A 178 -14.28 18.28 -5.63
CA PHE A 178 -14.84 19.09 -4.54
C PHE A 178 -16.11 18.50 -3.96
N ILE A 179 -16.42 18.96 -2.76
CA ILE A 179 -17.68 18.59 -2.10
C ILE A 179 -18.56 19.84 -2.01
N VAL A 180 -19.82 19.67 -2.42
CA VAL A 180 -20.82 20.76 -2.37
C VAL A 180 -21.90 20.42 -1.35
N ASP A 181 -22.29 21.42 -0.56
CA ASP A 181 -23.49 21.29 0.31
C ASP A 181 -24.78 21.77 -0.37
N THR A 182 -25.90 21.68 0.33
CA THR A 182 -27.20 22.07 -0.25
C THR A 182 -27.48 23.58 -0.36
N GLU A 183 -26.57 24.42 0.16
CA GLU A 183 -26.50 25.85 -0.21
C GLU A 183 -25.63 26.11 -1.44
N GLY A 184 -25.13 25.04 -2.07
CA GLY A 184 -24.23 25.13 -3.24
C GLY A 184 -22.85 25.67 -2.93
N GLU A 185 -22.43 25.60 -1.66
CA GLU A 185 -21.12 26.03 -1.26
C GLU A 185 -20.12 24.85 -1.31
N TYR A 186 -18.90 25.19 -1.70
CA TYR A 186 -17.79 24.25 -1.70
C TYR A 186 -17.41 24.04 -0.26
N ARG A 187 -17.39 22.77 0.16
CA ARG A 187 -17.01 22.41 1.54
C ARG A 187 -15.77 21.52 1.66
N TRP A 188 -15.13 21.28 0.52
CA TRP A 188 -13.94 20.44 0.39
C TRP A 188 -13.39 20.58 -1.01
N TRP A 189 -12.07 20.56 -1.08
CA TRP A 189 -11.35 20.66 -2.34
C TRP A 189 -10.08 19.78 -2.32
N LEU A 190 -9.95 18.88 -3.29
CA LEU A 190 -8.71 18.18 -3.51
C LEU A 190 -7.85 18.91 -4.52
N ASP A 191 -6.77 19.49 -4.03
CA ASP A 191 -5.77 20.16 -4.84
C ASP A 191 -5.43 19.36 -6.08
N GLN A 192 -5.38 20.03 -7.22
CA GLN A 192 -5.19 19.36 -8.50
C GLN A 192 -3.79 18.72 -8.61
N ASP A 193 -2.81 19.27 -7.89
CA ASP A 193 -1.44 18.79 -7.84
C ASP A 193 -1.28 17.54 -7.00
N THR A 194 -2.32 17.14 -6.29
CA THR A 194 -2.25 15.91 -5.50
C THR A 194 -1.85 14.76 -6.38
N PHE A 195 -2.54 14.59 -7.50
CA PHE A 195 -2.31 13.49 -8.42
C PHE A 195 -1.85 13.90 -9.80
N TYR A 196 -2.14 15.13 -10.20
CA TYR A 196 -2.02 15.50 -11.58
C TYR A 196 -1.02 16.61 -11.78
N ASP A 197 -0.37 16.59 -12.93
CA ASP A 197 0.45 17.71 -13.37
C ASP A 197 0.44 17.75 -14.90
N GLY A 198 -0.39 18.62 -15.48
CA GLY A 198 -0.56 18.67 -16.92
C GLY A 198 0.50 19.49 -17.63
N ARG A 199 1.34 20.17 -16.87
CA ARG A 199 2.41 20.96 -17.47
C ARG A 199 3.71 20.18 -17.65
N ASP A 200 3.99 19.28 -16.72
CA ASP A 200 5.10 18.37 -16.81
C ASP A 200 4.75 17.24 -17.77
N ARG A 201 5.77 16.51 -18.22
CA ARG A 201 5.58 15.31 -19.04
C ARG A 201 6.03 14.00 -18.36
N ASP A 202 5.72 13.94 -17.09
CA ASP A 202 5.82 12.76 -16.30
C ASP A 202 4.47 12.03 -16.35
N ILE A 203 4.43 11.03 -17.20
CA ILE A 203 3.23 10.18 -17.35
C ILE A 203 2.64 9.60 -16.07
N ASN A 204 3.47 9.50 -15.05
CA ASN A 204 2.99 9.07 -13.71
C ASN A 204 1.99 10.05 -13.06
N LYS A 205 2.00 11.29 -13.53
CA LYS A 205 1.06 12.33 -13.06
C LYS A 205 0.09 12.77 -14.16
N ARG A 206 -0.30 11.85 -15.05
CA ARG A 206 -1.21 12.14 -16.12
C ARG A 206 -2.35 11.17 -16.10
N GLY A 207 -3.39 11.49 -16.85
CA GLY A 207 -4.51 10.60 -16.98
C GLY A 207 -5.78 11.26 -16.53
N TYR A 208 -6.78 10.45 -16.24
CA TYR A 208 -8.13 10.86 -16.02
C TYR A 208 -8.65 10.37 -14.67
N LEU A 209 -8.58 11.26 -13.67
CA LEU A 209 -8.98 10.85 -12.33
C LEU A 209 -10.43 10.39 -12.25
N MET A 210 -10.61 9.17 -11.84
CA MET A 210 -11.87 8.46 -12.00
C MET A 210 -12.03 7.35 -10.99
N GLY A 211 -13.26 6.87 -10.91
CA GLY A 211 -13.61 5.74 -10.08
C GLY A 211 -13.32 5.98 -8.64
N ILE A 212 -13.68 7.17 -8.16
CA ILE A 212 -13.56 7.49 -6.74
C ILE A 212 -14.66 6.80 -5.96
N ARG A 213 -14.28 5.78 -5.19
CA ARG A 213 -15.19 4.96 -4.39
C ARG A 213 -14.81 4.85 -2.93
N GLU A 214 -15.82 4.94 -2.07
CA GLU A 214 -15.63 4.71 -0.66
C GLU A 214 -15.16 3.30 -0.35
N THR A 215 -14.28 3.19 0.65
CA THR A 215 -13.78 1.91 1.11
C THR A 215 -14.49 1.62 2.41
N PRO A 216 -14.34 0.38 2.90
CA PRO A 216 -14.84 0.03 4.24
C PRO A 216 -14.25 0.82 5.39
N ARG A 217 -13.22 1.64 5.15
CA ARG A 217 -12.56 2.40 6.19
C ARG A 217 -12.99 3.84 6.18
N GLY A 218 -13.85 4.19 5.23
CA GLY A 218 -14.28 5.58 5.08
C GLY A 218 -13.26 6.39 4.32
N THR A 219 -12.43 5.71 3.57
CA THR A 219 -11.48 6.33 2.69
C THR A 219 -11.91 6.04 1.26
N PHE A 220 -11.16 6.53 0.29
CA PHE A 220 -11.52 6.39 -1.10
C PHE A 220 -10.41 5.89 -2.02
N THR A 221 -10.80 5.10 -3.01
CA THR A 221 -9.90 4.63 -4.04
C THR A 221 -10.18 5.37 -5.30
N ALA A 222 -9.15 5.51 -6.11
CA ALA A 222 -9.25 6.22 -7.39
C ALA A 222 -8.23 5.64 -8.36
N VAL A 223 -8.43 5.88 -9.64
CA VAL A 223 -7.49 5.52 -10.65
C VAL A 223 -7.17 6.77 -11.45
N GLN A 224 -5.97 6.83 -12.00
CA GLN A 224 -5.56 7.87 -12.90
C GLN A 224 -4.36 7.40 -13.71
N GLY A 225 -4.60 7.25 -15.01
CA GLY A 225 -3.58 6.82 -15.98
C GLY A 225 -3.02 5.46 -15.67
N GLN A 226 -1.77 5.47 -15.21
CA GLN A 226 -1.01 4.25 -14.95
C GLN A 226 -0.87 3.90 -13.49
N HIS A 227 -1.60 4.63 -12.66
CA HIS A 227 -1.58 4.43 -11.19
C HIS A 227 -2.97 4.30 -10.59
N TRP A 228 -3.03 3.62 -9.46
CA TRP A 228 -4.20 3.61 -8.64
C TRP A 228 -3.85 4.05 -7.25
N TYR A 229 -4.84 4.61 -6.55
CA TYR A 229 -4.64 5.32 -5.32
C TYR A 229 -5.63 5.01 -4.23
N GLU A 230 -5.25 5.34 -3.01
CA GLU A 230 -6.18 5.46 -1.92
C GLU A 230 -5.89 6.74 -1.15
N PHE A 231 -6.94 7.50 -0.84
CA PHE A 231 -6.77 8.74 -0.08
C PHE A 231 -7.90 8.91 0.89
N ASP A 232 -7.72 9.87 1.77
CA ASP A 232 -8.75 10.15 2.76
C ASP A 232 -9.11 11.62 2.75
N MET A 233 -10.10 11.96 3.55
CA MET A 233 -10.68 13.32 3.51
C MET A 233 -9.79 14.38 4.11
N MET A 234 -8.70 13.99 4.75
CA MET A 234 -7.66 14.95 5.13
C MET A 234 -6.64 15.24 4.04
N GLY A 235 -6.83 14.63 2.89
CA GLY A 235 -5.94 14.84 1.75
C GLY A 235 -4.69 14.00 1.79
N GLN A 236 -4.68 13.01 2.71
CA GLN A 236 -3.61 12.10 2.83
C GLN A 236 -3.69 11.06 1.72
N VAL A 237 -2.64 10.98 0.91
CA VAL A 237 -2.46 9.84 -0.01
C VAL A 237 -1.96 8.59 0.74
N LEU A 238 -2.87 7.65 0.98
CA LEU A 238 -2.59 6.45 1.71
C LEU A 238 -1.94 5.31 0.90
N GLU A 239 -2.27 5.25 -0.37
CA GLU A 239 -1.67 4.32 -1.30
C GLU A 239 -1.45 4.94 -2.68
N ASP A 240 -0.38 4.55 -3.32
CA ASP A 240 -0.05 5.01 -4.64
C ASP A 240 0.67 3.88 -5.35
N HIS A 241 -0.05 3.18 -6.22
CA HIS A 241 0.46 2.01 -6.87
C HIS A 241 0.59 2.16 -8.39
N LYS A 242 1.71 1.71 -8.95
CA LYS A 242 1.79 1.58 -10.37
C LYS A 242 0.97 0.39 -10.76
N LEU A 243 0.34 0.44 -11.93
CA LEU A 243 -0.32 -0.74 -12.48
C LEU A 243 0.77 -1.83 -12.68
N PRO A 244 0.42 -3.11 -12.50
CA PRO A 244 1.35 -4.16 -12.89
C PRO A 244 1.82 -3.98 -14.31
N ARG A 245 3.04 -4.42 -14.58
CA ARG A 245 3.75 -4.08 -15.83
C ARG A 245 3.05 -4.51 -17.12
N GLY A 246 2.20 -5.55 -17.06
CA GLY A 246 1.45 -5.95 -18.26
C GLY A 246 0.28 -5.07 -18.68
N PHE A 247 -0.08 -4.10 -17.85
CA PHE A 247 -1.30 -3.37 -18.00
C PHE A 247 -1.09 -1.88 -18.09
N ALA A 248 -2.13 -1.19 -18.58
CA ALA A 248 -2.05 0.25 -18.85
C ALA A 248 -3.43 0.86 -18.74
N ASP A 249 -3.46 2.18 -18.64
CA ASP A 249 -4.66 2.96 -18.88
C ASP A 249 -5.83 2.51 -17.99
N ALA A 250 -5.70 2.73 -16.69
CA ALA A 250 -6.75 2.45 -15.73
C ALA A 250 -7.74 3.65 -15.75
N THR A 251 -9.02 3.37 -15.99
CA THR A 251 -10.03 4.42 -16.06
C THR A 251 -11.33 3.94 -15.45
N HIS A 252 -12.21 4.91 -15.18
CA HIS A 252 -13.66 4.65 -14.90
C HIS A 252 -14.00 4.09 -13.56
N GLU A 253 -13.29 3.07 -13.14
CA GLU A 253 -13.64 2.43 -11.89
C GLU A 253 -12.46 1.91 -11.06
N SER A 254 -12.68 1.95 -9.75
CA SER A 254 -11.85 1.25 -8.79
C SER A 254 -12.71 0.97 -7.58
N ILE A 255 -12.85 -0.29 -7.20
CA ILE A 255 -13.68 -0.64 -6.05
C ILE A 255 -13.01 -1.66 -5.13
N GLU A 256 -12.91 -1.32 -3.85
CA GLU A 256 -12.44 -2.26 -2.87
C GLU A 256 -13.50 -3.34 -2.56
N THR A 257 -13.05 -4.59 -2.48
CA THR A 257 -13.91 -5.72 -2.13
C THR A 257 -13.81 -5.94 -0.62
N PRO A 258 -14.66 -6.81 -0.07
CA PRO A 258 -14.56 -7.16 1.35
C PRO A 258 -13.36 -8.02 1.70
N ASN A 259 -12.71 -8.58 0.68
CA ASN A 259 -11.58 -9.48 0.87
C ASN A 259 -10.25 -8.72 0.86
N GLY A 260 -10.29 -7.39 0.98
CA GLY A 260 -9.09 -6.56 0.97
C GLY A 260 -8.44 -6.27 -0.39
N THR A 261 -8.98 -6.84 -1.45
CA THR A 261 -8.50 -6.58 -2.81
C THR A 261 -9.24 -5.40 -3.43
N VAL A 262 -8.77 -4.98 -4.60
CA VAL A 262 -9.34 -3.86 -5.31
C VAL A 262 -9.52 -4.23 -6.78
N LEU A 263 -10.69 -3.94 -7.34
CA LEU A 263 -10.97 -4.23 -8.72
C LEU A 263 -10.72 -3.00 -9.59
N LEU A 264 -10.04 -3.21 -10.72
CA LEU A 264 -9.68 -2.11 -11.60
C LEU A 264 -10.04 -2.45 -13.02
N ARG A 265 -10.18 -1.40 -13.82
CA ARG A 265 -10.47 -1.52 -15.24
C ARG A 265 -9.27 -0.97 -15.96
N VAL A 266 -8.61 -1.84 -16.71
CA VAL A 266 -7.42 -1.47 -17.45
C VAL A 266 -7.48 -2.02 -18.86
N GLY A 267 -6.43 -1.76 -19.62
CA GLY A 267 -6.10 -2.43 -20.88
C GLY A 267 -4.79 -3.25 -20.77
N LYS A 268 -4.58 -4.16 -21.69
CA LYS A 268 -3.32 -4.96 -21.73
C LYS A 268 -2.37 -4.32 -22.69
N SER A 269 -1.16 -4.01 -22.21
CA SER A 269 -0.10 -3.54 -23.10
C SER A 269 0.56 -4.75 -23.74
N ASN A 270 1.11 -4.56 -24.96
CA ASN A 270 1.75 -5.65 -25.74
C ASN A 270 0.90 -6.92 -25.73
N TYR A 271 -0.35 -6.75 -26.10
CA TYR A 271 -1.27 -7.84 -26.25
C TYR A 271 -1.04 -8.36 -27.65
N ARG A 272 -0.77 -9.65 -27.74
CA ARG A 272 -0.51 -10.27 -29.05
C ARG A 272 -1.80 -10.79 -29.64
N ARG A 273 -2.18 -10.15 -30.76
CA ARG A 273 -3.35 -10.56 -31.51
C ARG A 273 -3.03 -11.86 -32.27
N ASP A 274 -4.07 -12.55 -32.74
CA ASP A 274 -3.90 -13.77 -33.51
C ASP A 274 -3.15 -13.57 -34.83
N ASP A 275 -3.24 -12.37 -35.42
CA ASP A 275 -2.46 -12.06 -36.63
C ASP A 275 -1.03 -11.66 -36.31
N GLY A 276 -0.64 -11.78 -35.03
CA GLY A 276 0.73 -11.51 -34.59
C GLY A 276 1.10 -10.07 -34.23
N VAL A 277 0.20 -9.14 -34.54
CA VAL A 277 0.43 -7.73 -34.26
C VAL A 277 0.13 -7.45 -32.78
N HIS A 278 1.01 -6.66 -32.16
CA HIS A 278 0.87 -6.27 -30.75
C HIS A 278 0.23 -4.90 -30.62
N VAL A 279 -0.73 -4.84 -29.69
CA VAL A 279 -1.45 -3.60 -29.38
C VAL A 279 -1.60 -3.43 -27.88
N THR A 280 -1.90 -2.20 -27.44
CA THR A 280 -2.45 -1.97 -26.11
C THR A 280 -3.97 -2.03 -26.29
N THR A 281 -4.59 -3.03 -25.66
CA THR A 281 -6.03 -3.12 -25.70
C THR A 281 -6.74 -1.99 -24.92
N ILE A 282 -7.98 -1.71 -25.34
CA ILE A 282 -8.74 -0.59 -24.82
C ILE A 282 -9.86 -1.07 -23.88
N ARG A 283 -9.79 -0.65 -22.62
CA ARG A 283 -10.92 -0.78 -21.68
C ARG A 283 -11.62 -2.10 -21.66
N ASP A 284 -10.86 -3.18 -21.74
CA ASP A 284 -11.42 -4.52 -21.81
C ASP A 284 -10.75 -5.57 -20.92
N HIS A 285 -10.10 -5.15 -19.84
CA HIS A 285 -9.58 -6.10 -18.87
C HIS A 285 -9.92 -5.62 -17.48
N ILE A 286 -10.21 -6.56 -16.60
CA ILE A 286 -10.41 -6.31 -15.19
C ILE A 286 -9.31 -6.95 -14.32
N LEU A 287 -8.68 -6.16 -13.46
CA LEU A 287 -7.71 -6.67 -12.53
C LEU A 287 -8.27 -6.70 -11.16
N GLU A 288 -7.99 -7.79 -10.45
CA GLU A 288 -8.08 -7.82 -9.00
C GLU A 288 -6.68 -7.78 -8.43
N VAL A 289 -6.40 -6.77 -7.62
CA VAL A 289 -5.08 -6.50 -7.08
C VAL A 289 -5.20 -6.37 -5.58
N ASP A 290 -4.13 -6.71 -4.87
CA ASP A 290 -4.11 -6.62 -3.41
C ASP A 290 -3.43 -5.32 -3.02
N LYS A 291 -3.40 -5.04 -1.72
CA LYS A 291 -2.85 -3.73 -1.29
C LYS A 291 -1.33 -3.63 -1.37
N SER A 292 -0.69 -4.72 -1.82
CA SER A 292 0.71 -4.71 -2.26
C SER A 292 0.86 -4.36 -3.76
N GLY A 293 -0.25 -4.18 -4.46
CA GLY A 293 -0.18 -3.90 -5.88
C GLY A 293 0.03 -5.13 -6.77
N ARG A 294 -0.06 -6.32 -6.19
CA ARG A 294 0.12 -7.56 -6.93
C ARG A 294 -1.19 -8.01 -7.50
N VAL A 295 -1.10 -8.76 -8.59
CA VAL A 295 -2.25 -9.27 -9.29
C VAL A 295 -2.76 -10.52 -8.67
N VAL A 296 -3.96 -10.45 -8.09
CA VAL A 296 -4.67 -11.61 -7.54
C VAL A 296 -5.42 -12.36 -8.66
N ASP A 297 -5.97 -11.62 -9.63
CA ASP A 297 -6.66 -12.24 -10.76
C ASP A 297 -6.85 -11.26 -11.91
N VAL A 298 -7.05 -11.81 -13.10
CA VAL A 298 -7.24 -11.00 -14.31
C VAL A 298 -8.36 -11.59 -15.19
N TRP A 299 -9.30 -10.73 -15.59
CA TRP A 299 -10.32 -11.09 -16.54
C TRP A 299 -10.03 -10.44 -17.87
N ASP A 300 -9.67 -11.28 -18.85
CA ASP A 300 -9.39 -10.84 -20.20
C ASP A 300 -10.66 -10.91 -21.03
N LEU A 301 -11.33 -9.79 -21.21
CA LEU A 301 -12.70 -9.81 -21.78
C LEU A 301 -12.72 -10.17 -23.25
N THR A 302 -11.57 -10.04 -23.92
CA THR A 302 -11.48 -10.37 -25.35
C THR A 302 -11.60 -11.87 -25.64
N LYS A 303 -11.48 -12.69 -24.61
CA LYS A 303 -11.62 -14.13 -24.72
C LYS A 303 -12.88 -14.61 -24.00
N ILE A 304 -13.55 -13.72 -23.28
CA ILE A 304 -14.73 -14.09 -22.50
C ILE A 304 -16.00 -13.65 -23.21
N LEU A 305 -15.97 -12.46 -23.79
CA LEU A 305 -17.09 -11.94 -24.57
C LEU A 305 -16.83 -12.01 -26.06
N ASP A 306 -17.58 -11.22 -26.82
CA ASP A 306 -17.46 -11.22 -28.27
C ASP A 306 -17.13 -9.84 -28.75
N PRO A 307 -15.86 -9.66 -29.13
CA PRO A 307 -15.29 -8.46 -29.75
C PRO A 307 -15.72 -8.16 -31.15
N LYS A 308 -16.39 -9.11 -31.82
CA LYS A 308 -16.84 -8.87 -33.20
C LYS A 308 -18.28 -8.33 -33.29
N ARG A 309 -18.97 -8.32 -32.15
CA ARG A 309 -20.37 -7.90 -32.09
C ARG A 309 -20.54 -6.42 -32.21
N ASP A 310 -21.16 -6.00 -33.32
CA ASP A 310 -21.30 -4.59 -33.67
C ASP A 310 -22.72 -4.09 -33.59
N ALA A 311 -23.59 -4.89 -32.95
CA ALA A 311 -25.02 -4.57 -32.82
C ALA A 311 -25.24 -3.13 -32.33
N LEU A 312 -24.62 -2.79 -31.22
CA LEU A 312 -24.75 -1.47 -30.58
C LEU A 312 -23.73 -0.47 -31.12
N LEU A 313 -22.57 -0.96 -31.52
CA LEU A 313 -21.51 -0.11 -32.04
C LEU A 313 -21.91 0.60 -33.32
N GLY A 314 -22.51 -0.14 -34.24
CA GLY A 314 -22.95 0.41 -35.52
C GLY A 314 -24.03 1.48 -35.37
N ALA A 315 -24.77 1.41 -34.27
CA ALA A 315 -25.90 2.30 -34.02
C ALA A 315 -25.58 3.50 -33.17
N LEU A 316 -24.33 3.97 -33.15
CA LEU A 316 -23.95 5.00 -32.19
C LEU A 316 -23.80 6.37 -32.81
N ASP A 317 -24.01 7.38 -31.97
CA ASP A 317 -23.73 8.78 -32.32
C ASP A 317 -22.22 8.89 -32.59
N ALA A 318 -21.84 9.54 -33.69
CA ALA A 318 -20.42 9.79 -33.98
C ALA A 318 -19.81 10.75 -32.94
N GLY A 319 -20.59 11.75 -32.50
CA GLY A 319 -20.13 12.72 -31.50
C GLY A 319 -19.76 12.08 -30.17
N ALA A 328 -17.33 17.22 -32.55
CA ALA A 328 -17.37 18.02 -33.78
C ALA A 328 -18.52 17.58 -34.72
N HIS A 329 -18.52 16.30 -35.11
CA HIS A 329 -19.54 15.72 -36.02
C HIS A 329 -20.56 14.87 -35.26
N ALA A 330 -21.17 15.47 -34.23
CA ALA A 330 -22.20 14.81 -33.43
C ALA A 330 -23.48 14.61 -34.27
N GLY A 331 -24.45 13.91 -33.68
CA GLY A 331 -25.72 13.59 -34.36
C GLY A 331 -25.66 12.41 -35.33
N GLN A 332 -24.62 12.37 -36.15
CA GLN A 332 -24.44 11.33 -37.17
C GLN A 332 -24.30 9.93 -36.55
N GLN A 333 -24.82 8.93 -37.25
CA GLN A 333 -24.66 7.53 -36.84
C GLN A 333 -23.27 7.02 -37.24
N ALA A 334 -22.64 6.23 -36.36
CA ALA A 334 -21.24 5.80 -36.55
C ALA A 334 -21.14 4.71 -37.61
N LYS A 335 -20.57 5.08 -38.77
CA LYS A 335 -20.31 4.15 -39.86
C LYS A 335 -18.92 3.51 -39.64
N LEU A 336 -18.95 2.28 -39.13
CA LEU A 336 -17.73 1.52 -38.87
C LEU A 336 -17.03 1.15 -40.16
N GLU A 337 -15.74 0.88 -40.06
CA GLU A 337 -14.90 0.52 -41.20
C GLU A 337 -14.02 -0.66 -40.82
N PRO A 338 -13.62 -1.47 -41.82
CA PRO A 338 -12.75 -2.63 -41.53
C PRO A 338 -11.27 -2.23 -41.21
N ASP A 339 -10.88 -1.02 -41.62
CA ASP A 339 -9.49 -0.56 -41.56
C ASP A 339 -9.24 0.56 -40.52
N THR A 340 -10.17 0.76 -39.60
CA THR A 340 -9.99 1.74 -38.53
C THR A 340 -8.70 1.34 -37.84
N PRO A 341 -7.72 2.26 -37.78
CA PRO A 341 -6.44 1.92 -37.17
C PRO A 341 -6.63 1.64 -35.69
N PHE A 342 -5.86 0.71 -35.13
CA PHE A 342 -6.00 0.36 -33.71
C PHE A 342 -5.78 1.60 -32.85
N GLY A 343 -6.55 1.68 -31.76
CA GLY A 343 -6.57 2.88 -30.97
C GLY A 343 -7.87 3.10 -30.28
N ASP A 344 -7.92 4.17 -29.51
CA ASP A 344 -9.13 4.58 -28.81
C ASP A 344 -10.15 5.12 -29.82
N ALA A 345 -10.78 4.19 -30.56
CA ALA A 345 -11.71 4.50 -31.64
C ALA A 345 -12.77 3.42 -31.70
N LEU A 346 -14.00 3.80 -32.00
CA LEU A 346 -15.10 2.86 -32.19
C LEU A 346 -14.73 1.85 -33.25
N GLY A 347 -14.93 0.59 -32.90
CA GLY A 347 -14.54 -0.50 -33.77
C GLY A 347 -14.60 -1.82 -33.05
N VAL A 348 -14.44 -2.88 -33.86
CA VAL A 348 -14.46 -4.27 -33.35
C VAL A 348 -13.02 -4.78 -33.15
N GLY A 349 -12.87 -5.82 -32.34
CA GLY A 349 -11.59 -6.50 -32.17
C GLY A 349 -10.69 -5.92 -31.09
N PRO A 350 -9.75 -6.74 -30.60
CA PRO A 350 -8.73 -6.30 -29.64
C PRO A 350 -7.88 -5.22 -30.20
N GLY A 351 -7.78 -4.10 -29.48
CA GLY A 351 -7.01 -2.94 -29.99
C GLY A 351 -7.88 -1.81 -30.49
N ARG A 352 -9.19 -2.02 -30.43
CA ARG A 352 -10.17 -0.96 -30.64
C ARG A 352 -11.16 -0.93 -29.49
N ASN A 353 -11.97 0.12 -29.47
CA ASN A 353 -12.87 0.33 -28.32
C ASN A 353 -14.20 -0.43 -28.50
N TRP A 354 -14.09 -1.75 -28.56
CA TRP A 354 -15.22 -2.63 -28.81
C TRP A 354 -16.09 -2.79 -27.56
N ALA A 355 -15.49 -2.65 -26.37
CA ALA A 355 -16.21 -2.97 -25.10
C ALA A 355 -16.48 -1.73 -24.28
N HIS A 356 -15.44 -0.96 -24.00
CA HIS A 356 -15.56 0.25 -23.20
C HIS A 356 -16.27 -0.06 -21.89
N VAL A 357 -15.68 -0.95 -21.09
CA VAL A 357 -16.21 -1.26 -19.76
C VAL A 357 -15.99 -0.08 -18.85
N ASN A 358 -17.03 0.34 -18.13
CA ASN A 358 -17.01 1.59 -17.39
C ASN A 358 -17.50 1.48 -15.98
N SER A 359 -17.84 0.27 -15.54
CA SER A 359 -18.11 0.07 -14.13
C SER A 359 -17.92 -1.38 -13.73
N ILE A 360 -17.71 -1.59 -12.44
CA ILE A 360 -17.54 -2.92 -11.85
C ILE A 360 -18.28 -3.01 -10.50
N ALA A 361 -18.91 -4.16 -10.27
CA ALA A 361 -19.49 -4.49 -8.98
C ALA A 361 -19.06 -5.89 -8.60
N TYR A 362 -18.57 -6.05 -7.38
CA TYR A 362 -18.27 -7.37 -6.87
C TYR A 362 -19.53 -7.94 -6.20
N ASP A 363 -19.88 -9.16 -6.58
CA ASP A 363 -20.95 -9.88 -5.92
C ASP A 363 -20.36 -10.89 -4.93
N ALA A 364 -20.34 -10.50 -3.67
CA ALA A 364 -19.78 -11.32 -2.60
C ALA A 364 -20.49 -12.67 -2.51
N LYS A 365 -21.79 -12.68 -2.77
CA LYS A 365 -22.62 -13.89 -2.67
C LYS A 365 -22.06 -15.09 -3.44
N ASP A 366 -21.60 -14.87 -4.67
CA ASP A 366 -21.06 -15.96 -5.51
C ASP A 366 -19.65 -15.68 -6.07
N ASP A 367 -18.97 -14.68 -5.53
CA ASP A 367 -17.59 -14.39 -5.93
C ASP A 367 -17.44 -14.13 -7.41
N SER A 368 -18.29 -13.24 -7.91
CA SER A 368 -18.28 -12.89 -9.32
C SER A 368 -18.36 -11.37 -9.46
N ILE A 369 -18.21 -10.90 -10.69
CA ILE A 369 -18.17 -9.48 -10.97
C ILE A 369 -19.24 -9.12 -11.99
N ILE A 370 -19.91 -8.00 -11.75
CA ILE A 370 -20.86 -7.47 -12.71
C ILE A 370 -20.21 -6.28 -13.39
N LEU A 371 -20.24 -6.32 -14.71
CA LEU A 371 -19.60 -5.29 -15.53
C LEU A 371 -20.63 -4.55 -16.37
N SER A 372 -20.39 -3.28 -16.61
CA SER A 372 -21.11 -2.49 -17.57
C SER A 372 -20.25 -2.23 -18.78
N SER A 373 -20.64 -2.80 -19.92
CA SER A 373 -19.97 -2.53 -21.19
C SER A 373 -20.77 -1.50 -21.98
N ARG A 374 -20.20 -0.31 -22.14
CA ARG A 374 -20.90 0.76 -22.80
C ARG A 374 -21.39 0.33 -24.18
N HIS A 375 -20.62 -0.51 -24.84
CA HIS A 375 -20.87 -0.88 -26.23
C HIS A 375 -21.41 -2.28 -26.40
N GLN A 376 -21.77 -2.95 -25.31
CA GLN A 376 -22.23 -4.35 -25.40
C GLN A 376 -23.35 -4.68 -24.44
N GLY A 377 -23.36 -4.06 -23.28
CA GLY A 377 -24.41 -4.27 -22.29
C GLY A 377 -23.86 -4.54 -20.92
N VAL A 378 -24.63 -5.24 -20.10
CA VAL A 378 -24.30 -5.58 -18.72
C VAL A 378 -24.17 -7.09 -18.57
N VAL A 379 -23.09 -7.53 -17.93
CA VAL A 379 -22.75 -8.96 -17.82
C VAL A 379 -22.22 -9.30 -16.47
N LYS A 380 -22.62 -10.45 -15.96
CA LYS A 380 -21.99 -11.09 -14.83
C LYS A 380 -20.99 -12.13 -15.32
N ILE A 381 -19.75 -12.04 -14.82
CA ILE A 381 -18.71 -13.02 -15.13
C ILE A 381 -18.19 -13.63 -13.84
N GLY A 382 -18.00 -14.94 -13.84
CA GLY A 382 -17.67 -15.62 -12.58
C GLY A 382 -16.17 -15.66 -12.35
N ARG A 383 -15.79 -16.03 -11.12
CA ARG A 383 -14.38 -16.32 -10.79
C ARG A 383 -13.74 -17.28 -11.81
N ASP A 384 -14.54 -18.25 -12.23
CA ASP A 384 -14.15 -19.24 -13.27
C ASP A 384 -13.96 -18.68 -14.68
N LYS A 385 -14.22 -17.39 -14.87
CA LYS A 385 -14.09 -16.72 -16.18
C LYS A 385 -15.19 -17.04 -17.20
N GLN A 386 -16.30 -17.59 -16.70
CA GLN A 386 -17.50 -17.96 -17.50
CA GLN A 386 -17.46 -17.84 -17.57
C GLN A 386 -18.57 -16.83 -17.36
N VAL A 387 -19.22 -16.50 -18.47
CA VAL A 387 -20.38 -15.58 -18.44
C VAL A 387 -21.58 -16.25 -17.76
N LYS A 388 -22.12 -15.59 -16.76
CA LYS A 388 -23.25 -16.14 -16.01
C LYS A 388 -24.59 -15.62 -16.55
N TRP A 389 -24.63 -14.35 -16.90
CA TRP A 389 -25.78 -13.78 -17.57
C TRP A 389 -25.47 -12.49 -18.27
N ILE A 390 -26.25 -12.16 -19.30
CA ILE A 390 -26.07 -10.92 -20.09
C ILE A 390 -27.37 -10.13 -20.14
N LEU A 391 -27.32 -8.85 -19.80
CA LEU A 391 -28.48 -7.96 -19.89
C LEU A 391 -28.33 -7.06 -21.09
N ALA A 392 -29.00 -7.39 -22.18
CA ALA A 392 -28.85 -6.67 -23.41
C ALA A 392 -29.87 -7.10 -24.46
N PRO A 393 -30.17 -6.20 -25.41
CA PRO A 393 -30.92 -6.62 -26.60
C PRO A 393 -30.22 -7.78 -27.28
N SER A 394 -30.99 -8.66 -27.92
CA SER A 394 -30.46 -9.95 -28.34
C SER A 394 -29.70 -9.91 -29.68
N LYS A 395 -29.85 -8.83 -30.41
CA LYS A 395 -29.25 -8.71 -31.72
C LYS A 395 -27.73 -8.90 -31.63
N GLY A 396 -27.15 -9.58 -32.63
CA GLY A 396 -25.69 -9.67 -32.78
C GLY A 396 -25.04 -10.76 -31.94
N TRP A 397 -25.68 -11.14 -30.84
CA TRP A 397 -25.19 -12.20 -29.97
C TRP A 397 -25.42 -13.55 -30.63
N GLU A 398 -24.38 -14.38 -30.61
CA GLU A 398 -24.43 -15.74 -31.12
C GLU A 398 -24.16 -16.70 -30.00
N LYS A 399 -24.52 -17.97 -30.19
CA LYS A 399 -24.17 -18.99 -29.21
C LYS A 399 -22.65 -19.12 -29.26
N PRO A 400 -22.02 -19.40 -28.12
CA PRO A 400 -22.63 -19.82 -26.85
C PRO A 400 -23.18 -18.68 -25.97
N LEU A 401 -22.92 -17.43 -26.33
CA LEU A 401 -23.26 -16.31 -25.47
C LEU A 401 -24.75 -16.01 -25.48
N ALA A 402 -25.33 -16.03 -26.69
CA ALA A 402 -26.77 -15.78 -26.89
C ALA A 402 -27.63 -16.45 -25.81
N SER A 403 -27.23 -17.63 -25.38
CA SER A 403 -28.03 -18.40 -24.43
C SER A 403 -27.96 -17.88 -22.99
N LYS A 404 -27.02 -16.96 -22.70
CA LYS A 404 -26.91 -16.40 -21.34
C LYS A 404 -27.74 -15.14 -21.17
N LEU A 405 -28.31 -14.64 -22.27
CA LEU A 405 -29.22 -13.50 -22.24
C LEU A 405 -30.39 -13.71 -21.30
N LEU A 406 -30.60 -12.72 -20.43
CA LEU A 406 -31.74 -12.70 -19.54
C LEU A 406 -33.00 -12.42 -20.35
N LYS A 407 -34.11 -12.98 -19.90
CA LYS A 407 -35.37 -12.79 -20.60
C LYS A 407 -36.25 -11.94 -19.73
N PRO A 408 -36.81 -10.86 -20.32
CA PRO A 408 -37.68 -9.94 -19.61
C PRO A 408 -39.00 -10.60 -19.17
N VAL A 409 -39.48 -10.23 -17.98
CA VAL A 409 -40.70 -10.75 -17.42
C VAL A 409 -41.42 -9.64 -16.66
N ASP A 410 -42.71 -9.86 -16.42
CA ASP A 410 -43.55 -8.92 -15.69
C ASP A 410 -43.57 -9.24 -14.20
N ALA A 411 -44.39 -8.49 -13.47
CA ALA A 411 -44.52 -8.59 -12.02
C ALA A 411 -45.02 -9.97 -11.58
N ASN A 412 -45.83 -10.60 -12.42
CA ASN A 412 -46.40 -11.94 -12.13
C ASN A 412 -45.48 -13.06 -12.61
N GLY A 413 -44.55 -12.71 -13.50
CA GLY A 413 -43.50 -13.62 -13.95
C GLY A 413 -43.61 -14.05 -15.39
N LYS A 414 -44.48 -13.38 -16.15
CA LYS A 414 -44.78 -13.79 -17.52
C LYS A 414 -43.93 -13.04 -18.53
N PRO A 415 -43.41 -13.75 -19.52
CA PRO A 415 -42.63 -13.19 -20.62
C PRO A 415 -43.13 -11.86 -21.18
N ILE A 416 -42.19 -10.98 -21.54
CA ILE A 416 -42.48 -9.77 -22.26
C ILE A 416 -41.87 -9.93 -23.64
N THR A 417 -42.64 -9.65 -24.66
CA THR A 417 -42.19 -9.87 -26.04
C THR A 417 -41.38 -8.69 -26.53
N CYS A 418 -40.14 -8.96 -26.95
CA CYS A 418 -39.22 -7.90 -27.42
C CYS A 418 -38.56 -8.37 -28.70
N ASN A 419 -38.46 -7.47 -29.69
CA ASN A 419 -37.70 -7.75 -30.89
C ASN A 419 -36.19 -7.73 -30.59
N GLU A 420 -35.39 -8.15 -31.57
CA GLU A 420 -33.95 -8.26 -31.36
C GLU A 420 -33.28 -6.92 -31.00
N ASN A 421 -33.99 -5.80 -31.20
CA ASN A 421 -33.46 -4.46 -30.90
C ASN A 421 -33.80 -3.91 -29.48
N GLY A 422 -34.50 -4.73 -28.69
CA GLY A 422 -34.86 -4.36 -27.33
C GLY A 422 -36.11 -3.51 -27.19
N LEU A 423 -36.87 -3.41 -28.28
CA LEU A 423 -38.19 -2.77 -28.27
C LEU A 423 -39.25 -3.77 -27.78
N CYS A 424 -39.98 -3.37 -26.75
CA CYS A 424 -40.94 -4.25 -26.11
C CYS A 424 -42.36 -3.83 -26.38
N GLU A 425 -43.24 -4.82 -26.44
CA GLU A 425 -44.65 -4.61 -26.71
C GLU A 425 -45.45 -4.52 -25.42
N ASN A 426 -46.16 -3.40 -25.26
CA ASN A 426 -47.13 -3.22 -24.19
C ASN A 426 -46.48 -3.31 -22.83
N SER A 427 -45.38 -2.57 -22.67
CA SER A 427 -44.57 -2.69 -21.45
C SER A 427 -43.79 -1.42 -21.16
N ASP A 428 -43.58 -1.15 -19.88
CA ASP A 428 -42.64 -0.11 -19.46
C ASP A 428 -41.18 -0.62 -19.58
N PHE A 429 -41.01 -1.95 -19.68
CA PHE A 429 -39.71 -2.57 -19.75
C PHE A 429 -38.92 -2.11 -20.94
N ASP A 430 -37.66 -1.76 -20.66
CA ASP A 430 -36.67 -1.46 -21.69
C ASP A 430 -35.28 -1.85 -21.18
N PHE A 431 -34.45 -2.30 -22.10
CA PHE A 431 -33.06 -2.59 -21.74
C PHE A 431 -32.31 -1.27 -21.51
N THR A 432 -31.02 -1.36 -21.21
CA THR A 432 -30.17 -0.16 -21.09
C THR A 432 -29.28 -0.03 -22.29
N TYR A 433 -28.92 1.21 -22.62
CA TYR A 433 -28.11 1.45 -23.80
C TYR A 433 -27.03 2.46 -23.50
N THR A 434 -25.79 2.13 -23.85
CA THR A 434 -24.59 2.95 -23.50
C THR A 434 -24.53 3.36 -22.00
N GLN A 435 -24.93 2.40 -21.14
CA GLN A 435 -25.17 2.63 -19.71
C GLN A 435 -23.92 2.68 -18.83
N HS8 A 436 -24.14 3.01 -17.56
CA HS8 A 436 -23.12 3.17 -16.58
CB HS8 A 436 -22.79 4.62 -16.40
CG HS8 A 436 -22.13 5.23 -17.59
ND1 HS8 A 436 -22.70 5.22 -18.83
CE1 HS8 A 436 -21.93 5.90 -19.67
NE2 HS8 A 436 -20.77 6.10 -19.06
CD2 HS8 A 436 -20.93 5.83 -17.72
C HS8 A 436 -23.52 2.68 -15.25
O HS8 A 436 -24.68 2.48 -14.99
O3 HS8 A 436 -18.30 7.09 -18.73
S HS8 A 436 -18.97 6.59 -19.96
O1 HS8 A 436 -18.47 5.30 -20.47
O2 HS8 A 436 -18.97 7.60 -20.98
N THR A 437 -22.51 2.49 -14.39
CA THR A 437 -22.73 2.10 -12.99
C THR A 437 -23.85 1.06 -12.82
N ALA A 438 -23.63 -0.12 -13.38
CA ALA A 438 -24.39 -1.33 -13.07
C ALA A 438 -23.91 -1.86 -11.74
N TRP A 439 -24.46 -1.31 -10.67
CA TRP A 439 -24.13 -1.72 -9.29
C TRP A 439 -25.23 -2.52 -8.62
N ILE A 440 -24.91 -3.05 -7.44
CA ILE A 440 -25.80 -3.89 -6.66
C ILE A 440 -26.24 -3.07 -5.45
N SER A 441 -27.53 -2.71 -5.38
CA SER A 441 -27.99 -1.87 -4.28
C SER A 441 -27.98 -2.66 -3.01
N SER A 442 -28.12 -1.95 -1.89
CA SER A 442 -28.26 -2.58 -0.58
C SER A 442 -29.48 -3.51 -0.51
N LYS A 443 -30.40 -3.36 -1.46
CA LYS A 443 -31.59 -4.22 -1.64
C LYS A 443 -31.26 -5.54 -2.30
N GLY A 444 -30.16 -5.60 -3.03
CA GLY A 444 -29.79 -6.79 -3.78
C GLY A 444 -30.24 -6.73 -5.20
N THR A 445 -30.85 -5.61 -5.57
CA THR A 445 -31.25 -5.35 -6.95
C THR A 445 -30.11 -4.69 -7.72
N LEU A 446 -30.23 -4.74 -9.04
CA LEU A 446 -29.28 -4.11 -9.94
C LEU A 446 -29.74 -2.71 -10.36
N THR A 447 -28.95 -1.69 -9.98
CA THR A 447 -29.22 -0.33 -10.40
C THR A 447 -28.29 0.07 -11.56
N ILE A 448 -28.82 0.77 -12.56
CA ILE A 448 -28.07 1.21 -13.74
C ILE A 448 -28.47 2.62 -14.10
N PHE A 449 -27.53 3.37 -14.65
CA PHE A 449 -27.85 4.66 -15.24
C PHE A 449 -27.93 4.45 -16.72
N ASP A 450 -29.15 4.55 -17.27
CA ASP A 450 -29.36 4.25 -18.67
C ASP A 450 -29.23 5.49 -19.51
N ASN A 451 -28.04 5.73 -20.01
CA ASN A 451 -27.75 6.99 -20.70
C ASN A 451 -28.70 7.21 -21.86
N GLY A 452 -28.86 6.17 -22.66
CA GLY A 452 -29.86 6.09 -23.70
C GLY A 452 -29.42 6.44 -25.10
N ASP A 453 -28.14 6.78 -25.29
CA ASP A 453 -27.65 6.92 -26.65
C ASP A 453 -27.69 5.54 -27.33
N GLY A 454 -28.17 5.51 -28.56
CA GLY A 454 -28.34 4.26 -29.31
C GLY A 454 -29.49 3.38 -28.84
N ARG A 455 -30.41 3.97 -28.06
CA ARG A 455 -31.62 3.28 -27.59
C ARG A 455 -32.30 2.56 -28.74
N HIS A 456 -32.69 1.31 -28.49
CA HIS A 456 -33.29 0.41 -29.47
C HIS A 456 -32.44 0.23 -30.72
N LEU A 457 -31.13 0.23 -30.53
CA LEU A 457 -30.13 0.01 -31.60
C LEU A 457 -30.31 0.85 -32.87
N GLU A 458 -30.78 2.07 -32.68
CA GLU A 458 -30.89 3.00 -33.77
C GLU A 458 -30.72 4.42 -33.24
N GLN A 459 -30.48 5.35 -34.16
CA GLN A 459 -30.55 6.77 -33.86
C GLN A 459 -31.99 7.26 -34.11
N PRO A 460 -32.47 8.25 -33.34
CA PRO A 460 -33.82 8.75 -33.59
C PRO A 460 -33.87 9.67 -34.81
N ALA A 461 -35.08 10.09 -35.20
CA ALA A 461 -35.27 11.04 -36.26
C ALA A 461 -34.60 12.35 -35.85
N LEU A 462 -34.91 12.78 -34.62
CA LEU A 462 -34.34 14.00 -34.05
C LEU A 462 -33.54 13.74 -32.77
N PRO A 463 -32.34 14.35 -32.68
CA PRO A 463 -31.49 14.26 -31.49
C PRO A 463 -32.19 14.54 -30.18
N THR A 464 -33.15 15.46 -30.20
CA THR A 464 -33.86 15.84 -28.99
C THR A 464 -34.82 14.76 -28.48
N MET A 465 -34.95 13.67 -29.25
CA MET A 465 -35.87 12.58 -28.86
C MET A 465 -35.22 11.58 -27.91
N LYS A 466 -33.99 11.85 -27.51
CA LYS A 466 -33.26 10.99 -26.60
C LYS A 466 -33.59 11.34 -25.16
N TYR A 467 -33.59 10.33 -24.32
CA TYR A 467 -33.77 10.50 -22.89
C TYR A 467 -32.88 9.52 -22.09
N SER A 468 -32.72 9.82 -20.79
CA SER A 468 -31.92 8.96 -19.90
C SER A 468 -32.82 8.46 -18.80
N ARG A 469 -32.45 7.34 -18.22
CA ARG A 469 -33.21 6.79 -17.10
C ARG A 469 -32.35 6.33 -15.94
N PHE A 470 -32.84 6.59 -14.72
CA PHE A 470 -32.54 5.74 -13.61
C PHE A 470 -33.42 4.52 -13.78
N VAL A 471 -32.86 3.34 -13.58
CA VAL A 471 -33.61 2.14 -13.71
C VAL A 471 -33.07 1.09 -12.73
N GLU A 472 -33.94 0.17 -12.31
CA GLU A 472 -33.62 -0.88 -11.35
C GLU A 472 -34.22 -2.19 -11.82
N TYR A 473 -33.51 -3.27 -11.56
CA TYR A 473 -33.89 -4.58 -12.05
C TYR A 473 -33.81 -5.60 -10.94
N LYS A 474 -34.66 -6.62 -11.05
CA LYS A 474 -34.66 -7.78 -10.19
C LYS A 474 -34.31 -8.93 -11.10
N ILE A 475 -33.24 -9.61 -10.77
CA ILE A 475 -32.76 -10.73 -11.59
C ILE A 475 -32.94 -12.05 -10.85
N ASP A 476 -33.54 -13.03 -11.53
CA ASP A 476 -33.52 -14.40 -11.04
C ASP A 476 -32.51 -15.12 -11.89
N GLU A 477 -31.41 -15.52 -11.25
CA GLU A 477 -30.32 -16.17 -11.96
C GLU A 477 -30.68 -17.62 -12.24
N LYS A 478 -31.39 -18.26 -11.29
CA LYS A 478 -31.83 -19.64 -11.46
C LYS A 478 -32.75 -19.72 -12.69
N LYS A 479 -33.84 -18.94 -12.67
CA LYS A 479 -34.81 -18.90 -13.79
C LYS A 479 -34.24 -18.27 -15.05
N GLY A 480 -33.28 -17.35 -14.88
CA GLY A 480 -32.69 -16.63 -16.02
C GLY A 480 -33.60 -15.51 -16.56
N THR A 481 -34.28 -14.84 -15.65
CA THR A 481 -35.21 -13.78 -16.00
C THR A 481 -34.79 -12.43 -15.37
N VAL A 482 -35.25 -11.36 -16.00
CA VAL A 482 -35.01 -10.03 -15.48
C VAL A 482 -36.32 -9.26 -15.43
N GLN A 483 -36.51 -8.50 -14.37
CA GLN A 483 -37.69 -7.72 -14.16
C GLN A 483 -37.40 -6.25 -13.85
N GLN A 484 -37.89 -5.35 -14.69
CA GLN A 484 -37.77 -3.90 -14.39
C GLN A 484 -38.72 -3.50 -13.30
N VAL A 485 -38.18 -3.07 -12.17
CA VAL A 485 -38.95 -2.83 -10.98
C VAL A 485 -38.99 -1.36 -10.52
N TRP A 486 -38.34 -0.47 -11.28
CA TRP A 486 -38.29 0.96 -10.93
C TRP A 486 -37.57 1.72 -12.00
N GLU A 487 -38.16 2.83 -12.43
CA GLU A 487 -37.52 3.70 -13.37
C GLU A 487 -37.87 5.15 -13.11
N TYR A 488 -37.08 6.05 -13.70
CA TYR A 488 -37.25 7.48 -13.56
C TYR A 488 -36.45 8.26 -14.60
N GLY A 489 -37.07 9.31 -15.13
CA GLY A 489 -36.37 10.28 -15.95
C GLY A 489 -36.77 10.30 -17.39
N LYS A 490 -37.40 9.22 -17.85
CA LYS A 490 -37.84 9.14 -19.24
C LYS A 490 -38.72 10.32 -19.61
N GLU A 491 -39.54 10.75 -18.64
CA GLU A 491 -40.51 11.81 -18.85
C GLU A 491 -39.93 13.18 -18.54
N ARG A 492 -38.62 13.30 -18.40
CA ARG A 492 -38.01 14.62 -18.18
C ARG A 492 -37.32 15.13 -19.44
N GLY A 493 -37.28 14.23 -20.42
CA GLY A 493 -36.78 14.55 -21.75
C GLY A 493 -35.35 14.98 -21.86
N TYR A 494 -35.12 15.88 -22.79
CA TYR A 494 -33.77 16.28 -23.21
C TYR A 494 -32.95 16.97 -22.14
N ASP A 495 -33.60 17.77 -21.30
CA ASP A 495 -32.89 18.54 -20.25
C ASP A 495 -32.45 17.63 -19.11
N PHE A 496 -32.72 16.33 -19.25
CA PHE A 496 -32.28 15.30 -18.32
C PHE A 496 -31.42 14.22 -19.01
N TYR A 497 -31.09 14.42 -20.26
CA TYR A 497 -30.39 13.43 -21.05
C TYR A 497 -28.89 13.62 -20.91
N SER A 498 -28.23 12.58 -20.37
CA SER A 498 -26.76 12.53 -20.30
C SER A 498 -26.29 11.48 -21.31
N PRO A 499 -25.73 11.94 -22.44
CA PRO A 499 -25.20 11.02 -23.44
C PRO A 499 -24.06 10.10 -22.93
N ILE A 500 -23.22 10.65 -22.03
CA ILE A 500 -22.09 9.94 -21.44
C ILE A 500 -22.03 10.07 -19.91
N THR A 501 -21.04 9.38 -19.37
CA THR A 501 -20.72 9.37 -17.93
C THR A 501 -21.93 9.03 -17.05
N SER A 502 -21.94 9.59 -15.85
CA SER A 502 -23.12 9.57 -14.97
C SER A 502 -23.17 8.32 -14.15
N ILE A 503 -24.02 8.39 -13.11
CA ILE A 503 -24.14 7.37 -12.11
C ILE A 503 -25.46 7.44 -11.33
N ILE A 504 -25.95 6.29 -10.87
CA ILE A 504 -26.92 6.23 -9.77
C ILE A 504 -26.50 5.22 -8.69
N GLU A 505 -27.06 5.43 -7.51
CA GLU A 505 -26.85 4.58 -6.36
C GLU A 505 -28.04 4.74 -5.40
N TYR A 506 -28.68 3.62 -5.10
CA TYR A 506 -29.75 3.60 -4.11
C TYR A 506 -29.29 3.92 -2.68
N GLN A 507 -29.94 4.92 -2.08
CA GLN A 507 -29.73 5.29 -0.69
C GLN A 507 -30.82 4.77 0.25
N ALA A 508 -30.44 3.82 1.10
CA ALA A 508 -31.37 3.16 2.03
C ALA A 508 -31.70 4.02 3.25
N ASP A 509 -30.78 4.88 3.67
CA ASP A 509 -30.99 5.65 4.90
C ASP A 509 -32.28 6.48 4.86
N ARG A 510 -32.64 6.92 3.66
CA ARG A 510 -33.80 7.77 3.45
C ARG A 510 -34.59 7.33 2.23
N ASN A 511 -34.45 6.09 1.85
CA ASN A 511 -35.18 5.55 0.73
C ASN A 511 -35.23 6.53 -0.45
N THR A 512 -34.06 6.90 -0.94
CA THR A 512 -33.96 7.69 -2.18
C THR A 512 -33.04 7.01 -3.17
N MET A 513 -33.25 7.34 -4.44
CA MET A 513 -32.34 7.03 -5.51
C MET A 513 -31.49 8.27 -5.76
N PHE A 514 -30.19 8.17 -5.45
CA PHE A 514 -29.25 9.25 -5.76
C PHE A 514 -28.80 9.12 -7.22
N GLY A 515 -28.67 10.27 -7.87
CA GLY A 515 -28.30 10.27 -9.27
C GLY A 515 -27.40 11.44 -9.59
N PHE A 516 -26.57 11.27 -10.61
CA PHE A 516 -25.78 12.39 -11.13
C PHE A 516 -25.68 12.23 -12.62
N GLY A 517 -26.31 13.13 -13.35
CA GLY A 517 -26.23 13.12 -14.79
C GLY A 517 -25.12 14.08 -15.13
N GLY A 518 -24.11 13.54 -15.80
CA GLY A 518 -22.86 14.28 -15.98
C GLY A 518 -22.66 15.12 -17.20
N SER A 519 -23.49 14.88 -18.22
CA SER A 519 -23.28 15.49 -19.53
C SER A 519 -24.55 16.16 -20.12
N ILE A 520 -25.42 16.68 -19.27
CA ILE A 520 -26.65 17.34 -19.72
C ILE A 520 -26.24 18.58 -20.52
N HIS A 521 -26.74 18.65 -21.76
CA HIS A 521 -26.46 19.75 -22.70
C HIS A 521 -25.05 19.67 -23.28
N LEU A 522 -24.46 18.50 -23.26
CA LEU A 522 -23.09 18.38 -23.72
C LEU A 522 -22.90 18.97 -25.12
N PHE A 523 -23.89 18.73 -25.98
CA PHE A 523 -23.81 19.13 -27.39
C PHE A 523 -24.36 20.52 -27.72
N ASP A 524 -24.66 21.32 -26.72
CA ASP A 524 -25.01 22.69 -26.95
C ASP A 524 -23.74 23.53 -27.05
N VAL A 525 -23.22 23.63 -28.26
CA VAL A 525 -21.94 24.32 -28.52
C VAL A 525 -21.87 25.68 -27.86
N GLY A 526 -20.94 25.83 -26.91
CA GLY A 526 -20.66 27.16 -26.32
C GLY A 526 -21.24 27.35 -24.96
N GLN A 527 -21.99 26.35 -24.52
CA GLN A 527 -22.70 26.42 -23.25
C GLN A 527 -22.02 25.58 -22.20
N PRO A 528 -22.08 26.02 -20.95
CA PRO A 528 -21.55 25.21 -19.87
C PRO A 528 -22.23 23.87 -19.92
N THR A 529 -21.51 22.80 -19.59
CA THR A 529 -22.14 21.48 -19.42
C THR A 529 -22.70 21.35 -18.01
N VAL A 530 -23.81 20.66 -17.89
CA VAL A 530 -24.52 20.60 -16.64
C VAL A 530 -24.34 19.22 -16.02
N GLY A 531 -23.98 19.22 -14.73
CA GLY A 531 -23.99 18.01 -13.94
C GLY A 531 -25.10 18.14 -12.94
N LYS A 532 -26.08 17.27 -13.01
CA LYS A 532 -27.21 17.38 -12.15
C LYS A 532 -27.25 16.34 -11.06
N LEU A 533 -27.02 16.81 -9.84
CA LEU A 533 -27.21 16.01 -8.63
C LEU A 533 -28.69 15.89 -8.28
N ASN A 534 -29.15 14.67 -8.08
CA ASN A 534 -30.52 14.39 -7.72
C ASN A 534 -30.65 13.32 -6.67
N GLU A 535 -31.48 13.59 -5.66
CA GLU A 535 -32.08 12.54 -4.83
C GLU A 535 -33.60 12.49 -5.05
N ILE A 536 -34.06 11.32 -5.51
CA ILE A 536 -35.44 11.06 -5.90
C ILE A 536 -36.06 10.12 -4.86
N ASP A 537 -37.22 10.47 -4.32
CA ASP A 537 -37.87 9.58 -3.39
C ASP A 537 -38.25 8.28 -4.08
N TYR A 538 -37.89 7.15 -3.48
CA TYR A 538 -38.08 5.85 -4.10
C TYR A 538 -39.58 5.50 -4.20
N LYS A 539 -40.37 5.91 -3.22
CA LYS A 539 -41.80 5.62 -3.20
C LYS A 539 -42.62 6.60 -4.07
N THR A 540 -42.47 7.89 -3.80
CA THR A 540 -43.28 8.92 -4.43
C THR A 540 -42.71 9.46 -5.74
N LYS A 541 -41.43 9.23 -5.99
CA LYS A 541 -40.69 9.88 -7.08
C LYS A 541 -40.57 11.39 -6.97
N GLU A 542 -40.80 11.92 -5.77
CA GLU A 542 -40.66 13.36 -5.55
C GLU A 542 -39.19 13.73 -5.51
N VAL A 543 -38.83 14.80 -6.20
CA VAL A 543 -37.49 15.36 -6.17
C VAL A 543 -37.21 15.93 -4.78
N LYS A 544 -36.34 15.26 -4.04
CA LYS A 544 -35.96 15.73 -2.70
C LYS A 544 -34.75 16.65 -2.74
N VAL A 545 -33.86 16.43 -3.72
CA VAL A 545 -32.71 17.28 -3.95
C VAL A 545 -32.44 17.41 -5.43
N GLU A 546 -32.18 18.64 -5.87
CA GLU A 546 -31.71 18.87 -7.22
C GLU A 546 -30.73 20.05 -7.19
N ILE A 547 -29.50 19.77 -7.63
CA ILE A 547 -28.43 20.76 -7.65
C ILE A 547 -27.66 20.62 -8.95
N ASP A 548 -27.48 21.72 -9.62
CA ASP A 548 -26.83 21.71 -10.88
C ASP A 548 -25.42 22.25 -10.70
N VAL A 549 -24.49 21.58 -11.37
CA VAL A 549 -23.09 21.98 -11.40
C VAL A 549 -22.79 22.32 -12.84
N LEU A 550 -22.27 23.52 -13.06
CA LEU A 550 -21.96 23.99 -14.43
C LEU A 550 -20.45 24.05 -14.65
N SER A 551 -20.03 23.44 -15.75
CA SER A 551 -18.62 23.36 -16.13
C SER A 551 -18.03 24.75 -16.30
N ASP A 552 -16.74 24.86 -16.02
CA ASP A 552 -15.98 26.14 -16.08
C ASP A 552 -15.52 26.43 -17.50
N LYS A 553 -15.69 25.43 -18.37
CA LYS A 553 -15.45 25.62 -19.80
C LYS A 553 -16.63 24.96 -20.50
N PRO A 554 -17.01 25.50 -21.66
CA PRO A 554 -18.09 24.91 -22.44
C PRO A 554 -17.77 23.50 -22.90
N ASN A 555 -18.81 22.68 -22.99
CA ASN A 555 -18.75 21.40 -23.64
C ASN A 555 -17.70 20.52 -23.01
N GLN A 556 -17.75 20.49 -21.69
CA GLN A 556 -16.82 19.81 -20.80
C GLN A 556 -17.55 18.93 -19.79
N THR A 557 -17.63 17.66 -20.10
CA THR A 557 -18.41 16.68 -19.34
C THR A 557 -17.87 16.55 -17.94
N HIS A 558 -18.74 16.15 -17.02
CA HIS A 558 -18.44 15.76 -15.65
C HIS A 558 -18.50 14.26 -15.64
N TYR A 559 -17.89 13.64 -14.64
CA TYR A 559 -17.88 12.16 -14.63
C TYR A 559 -18.89 11.54 -13.65
N ARG A 560 -18.66 11.77 -12.38
CA ARG A 560 -19.51 11.16 -11.35
C ARG A 560 -19.59 12.06 -10.18
N ALA A 561 -20.49 11.68 -9.26
CA ALA A 561 -20.60 12.32 -7.94
C ALA A 561 -20.92 11.20 -6.97
N LEU A 562 -20.61 11.45 -5.69
CA LEU A 562 -20.87 10.49 -4.63
C LEU A 562 -21.55 11.22 -3.52
N LEU A 563 -22.44 10.51 -2.84
CA LEU A 563 -23.04 11.00 -1.62
C LEU A 563 -22.11 10.58 -0.49
N VAL A 564 -21.51 11.56 0.16
CA VAL A 564 -20.56 11.34 1.25
C VAL A 564 -21.14 11.66 2.63
N ARG A 565 -20.76 10.84 3.61
CA ARG A 565 -21.23 10.98 4.98
C ARG A 565 -20.09 11.17 5.99
N PRO A 566 -19.94 12.40 6.55
CA PRO A 566 -18.95 12.83 7.54
C PRO A 566 -18.74 11.91 8.71
N GLN A 567 -19.80 11.23 9.10
CA GLN A 567 -19.76 10.38 10.26
C GLN A 567 -19.11 9.01 9.94
N GLN A 568 -18.79 8.78 8.67
CA GLN A 568 -18.07 7.58 8.23
C GLN A 568 -16.63 7.89 7.85
N MET A 569 -16.34 9.15 7.59
CA MET A 569 -15.03 9.57 7.12
C MET A 569 -13.89 9.30 8.08
N PHE A 570 -14.15 9.38 9.38
CA PHE A 570 -13.08 9.31 10.35
C PHE A 570 -13.31 8.17 11.35
N LYS A 571 -13.20 6.96 10.81
CA LYS A 571 -13.16 5.71 11.56
C LYS A 571 -12.27 5.79 12.82
N ALA B 1 10.06 4.10 -38.69
CA ALA B 1 10.32 3.19 -37.52
C ALA B 1 11.03 3.89 -36.34
N GLY B 2 10.95 3.26 -35.17
CA GLY B 2 11.75 3.63 -34.00
C GLY B 2 12.69 2.49 -33.63
N PHE B 3 12.74 2.15 -32.35
CA PHE B 3 13.54 1.04 -31.89
C PHE B 3 12.63 -0.08 -31.41
N LYS B 4 12.80 -1.27 -31.97
CA LYS B 4 11.97 -2.40 -31.61
C LYS B 4 12.27 -2.90 -30.21
N PRO B 5 11.27 -3.52 -29.57
CA PRO B 5 11.45 -4.18 -28.28
C PRO B 5 12.32 -5.41 -28.48
N ALA B 6 12.88 -5.91 -27.40
CA ALA B 6 13.63 -7.15 -27.44
C ALA B 6 12.74 -8.21 -28.09
N PRO B 7 13.29 -9.03 -28.99
CA PRO B 7 12.51 -10.08 -29.66
C PRO B 7 12.46 -11.32 -28.80
N PRO B 8 11.53 -12.22 -29.07
CA PRO B 8 11.40 -13.41 -28.22
C PRO B 8 12.66 -14.26 -28.17
N ALA B 9 13.01 -14.76 -26.99
CA ALA B 9 14.27 -15.50 -26.78
C ALA B 9 14.13 -16.95 -27.28
N GLY B 10 13.06 -17.61 -26.84
CA GLY B 10 12.70 -18.92 -27.37
C GLY B 10 11.24 -19.02 -27.74
N GLN B 11 10.51 -19.78 -26.94
CA GLN B 11 9.11 -20.07 -27.22
C GLN B 11 8.14 -19.17 -26.45
N LEU B 12 8.68 -18.26 -25.66
CA LEU B 12 7.86 -17.31 -24.95
C LEU B 12 8.26 -15.89 -25.43
N GLY B 13 8.42 -14.93 -24.52
CA GLY B 13 8.79 -13.56 -24.88
C GLY B 13 10.27 -13.33 -24.79
N ALA B 14 10.65 -12.06 -24.76
CA ALA B 14 12.03 -11.67 -24.54
C ALA B 14 12.42 -12.07 -23.13
N VAL B 15 13.73 -12.11 -22.88
CA VAL B 15 14.25 -12.29 -21.52
C VAL B 15 14.89 -10.98 -21.09
N ILE B 16 14.28 -10.33 -20.11
CA ILE B 16 14.60 -8.96 -19.67
C ILE B 16 15.41 -9.10 -18.38
N VAL B 17 16.63 -8.53 -18.40
CA VAL B 17 17.45 -8.48 -17.18
C VAL B 17 17.08 -7.26 -16.31
N ASP B 18 16.75 -7.54 -15.06
CA ASP B 18 16.44 -6.53 -14.08
C ASP B 18 15.25 -5.69 -14.51
N PRO B 19 14.06 -6.27 -14.50
CA PRO B 19 12.91 -5.60 -15.11
C PRO B 19 12.54 -4.30 -14.41
N TYR B 20 12.59 -4.32 -13.08
CA TYR B 20 12.26 -3.18 -12.23
C TYR B 20 13.43 -2.25 -11.96
N GLY B 21 14.61 -2.63 -12.38
CA GLY B 21 15.81 -1.78 -12.23
C GLY B 21 16.41 -1.78 -10.82
N ASN B 22 15.93 -2.65 -9.94
CA ASN B 22 16.45 -2.64 -8.56
C ASN B 22 17.21 -3.89 -8.16
N ALA B 23 17.21 -4.87 -9.05
CA ALA B 23 17.75 -6.23 -8.77
C ALA B 23 18.45 -6.77 -10.01
N PRO B 24 19.73 -6.40 -10.21
CA PRO B 24 20.49 -6.76 -11.40
C PRO B 24 20.84 -8.24 -11.58
N LEU B 25 20.69 -9.05 -10.56
CA LEU B 25 20.93 -10.48 -10.69
C LEU B 25 19.64 -11.23 -10.81
N THR B 26 18.70 -10.58 -11.48
CA THR B 26 17.35 -11.15 -11.73
C THR B 26 16.99 -10.89 -13.15
N ALA B 27 16.06 -11.67 -13.66
CA ALA B 27 15.55 -11.44 -15.01
C ALA B 27 14.09 -11.88 -15.10
N LEU B 28 13.51 -11.65 -16.27
CA LEU B 28 12.13 -12.01 -16.48
C LEU B 28 11.94 -12.54 -17.88
N VAL B 29 11.22 -13.65 -18.00
CA VAL B 29 10.85 -14.13 -19.32
C VAL B 29 9.45 -13.59 -19.63
N ASP B 30 9.37 -12.68 -20.60
CA ASP B 30 8.10 -12.09 -20.94
C ASP B 30 7.16 -13.17 -21.45
N LEU B 31 5.92 -13.10 -21.00
CA LEU B 31 4.89 -14.10 -21.31
C LEU B 31 4.44 -13.99 -22.77
N ASP B 32 4.46 -12.77 -23.31
CA ASP B 32 4.00 -12.46 -24.66
C ASP B 32 2.64 -13.13 -24.93
N SER B 33 1.70 -12.96 -24.00
CA SER B 33 0.29 -13.42 -24.20
C SER B 33 0.14 -14.93 -24.25
N HIS B 34 1.21 -15.66 -23.93
CA HIS B 34 1.12 -17.11 -23.77
C HIS B 34 0.41 -17.52 -22.48
N VAL B 35 -0.43 -18.56 -22.57
CA VAL B 35 -1.15 -19.07 -21.37
C VAL B 35 -0.40 -20.30 -20.90
N ILE B 36 0.18 -20.23 -19.70
CA ILE B 36 1.06 -21.28 -19.24
C ILE B 36 0.79 -21.67 -17.79
N SER B 37 1.29 -22.83 -17.40
CA SER B 37 1.16 -23.33 -16.04
C SER B 37 2.30 -24.30 -15.71
N ASP B 38 2.24 -24.86 -14.51
CA ASP B 38 3.28 -25.76 -13.96
CA ASP B 38 3.25 -25.80 -14.08
C ASP B 38 4.67 -25.23 -14.32
N VAL B 39 4.85 -23.95 -14.06
CA VAL B 39 6.10 -23.28 -14.39
C VAL B 39 7.16 -23.59 -13.33
N LYS B 40 8.36 -23.92 -13.81
CA LYS B 40 9.46 -24.34 -12.93
C LYS B 40 10.70 -23.77 -13.53
N VAL B 41 11.50 -23.13 -12.67
CA VAL B 41 12.72 -22.44 -13.15
C VAL B 41 13.94 -23.04 -12.49
N THR B 42 15.00 -23.21 -13.27
CA THR B 42 16.31 -23.77 -12.80
C THR B 42 17.46 -22.91 -13.27
N VAL B 43 18.21 -22.38 -12.31
CA VAL B 43 19.43 -21.63 -12.58
C VAL B 43 20.59 -22.52 -12.18
N HIS B 44 21.39 -22.89 -13.17
CA HIS B 44 22.45 -23.84 -12.94
C HIS B 44 23.62 -23.21 -12.19
N GLY B 45 24.27 -24.03 -11.37
CA GLY B 45 25.49 -23.65 -10.69
C GLY B 45 26.59 -23.26 -11.66
N LYS B 46 27.43 -22.32 -11.24
CA LYS B 46 28.54 -21.84 -12.04
C LYS B 46 29.67 -22.81 -11.79
N GLY B 47 30.08 -23.48 -12.86
CA GLY B 47 31.17 -24.42 -12.79
C GLY B 47 30.98 -25.56 -11.80
N GLU B 48 32.12 -26.11 -11.41
CA GLU B 48 32.23 -27.44 -10.80
C GLU B 48 31.38 -27.63 -9.55
N LYS B 49 31.66 -26.87 -8.50
CA LYS B 49 30.96 -27.04 -7.21
C LYS B 49 29.77 -26.05 -7.05
N GLY B 50 29.46 -25.33 -8.14
CA GLY B 50 28.45 -24.29 -8.17
C GLY B 50 27.08 -24.74 -7.70
N VAL B 51 26.43 -23.93 -6.88
CA VAL B 51 25.08 -24.26 -6.35
C VAL B 51 23.95 -23.98 -7.35
N GLU B 52 23.09 -24.96 -7.52
CA GLU B 52 21.95 -24.83 -8.40
C GLU B 52 20.76 -24.24 -7.66
N ILE B 53 20.04 -23.32 -8.29
CA ILE B 53 18.85 -22.72 -7.66
C ILE B 53 17.61 -23.07 -8.48
N SER B 54 16.60 -23.59 -7.80
CA SER B 54 15.41 -24.13 -8.47
C SER B 54 14.15 -23.84 -7.68
N TYR B 55 13.09 -23.45 -8.39
CA TYR B 55 11.82 -23.10 -7.74
C TYR B 55 10.64 -23.20 -8.72
N PRO B 56 9.44 -23.45 -8.20
CA PRO B 56 8.20 -23.31 -8.94
C PRO B 56 7.71 -21.87 -8.90
N VAL B 57 6.97 -21.46 -9.92
CA VAL B 57 6.43 -20.12 -10.02
C VAL B 57 4.93 -20.17 -10.11
N GLY B 58 4.25 -19.52 -9.15
CA GLY B 58 2.77 -19.52 -9.10
C GLY B 58 2.07 -18.62 -10.10
N GLN B 59 0.77 -18.82 -10.23
CA GLN B 59 -0.05 -18.00 -11.13
C GLN B 59 -0.06 -16.52 -10.78
N GLU B 60 -0.29 -16.20 -9.50
CA GLU B 60 -0.28 -14.80 -9.10
C GLU B 60 1.01 -14.08 -9.56
N SER B 61 2.12 -14.79 -9.51
CA SER B 61 3.41 -14.20 -9.93
C SER B 61 3.48 -13.98 -11.40
N LEU B 62 3.05 -14.99 -12.14
CA LEU B 62 3.04 -14.88 -13.61
C LEU B 62 2.19 -13.70 -14.05
N LYS B 63 1.04 -13.57 -13.42
CA LYS B 63 0.13 -12.45 -13.68
C LYS B 63 0.73 -11.10 -13.26
N THR B 64 1.34 -11.05 -12.09
CA THR B 64 1.92 -9.79 -11.59
C THR B 64 3.09 -9.30 -12.41
N TYR B 65 3.97 -10.21 -12.80
CA TYR B 65 5.14 -9.87 -13.59
C TYR B 65 4.90 -9.89 -15.08
N ASP B 66 3.76 -10.44 -15.49
CA ASP B 66 3.49 -10.73 -16.90
C ASP B 66 4.68 -11.48 -17.51
N GLY B 67 5.12 -12.51 -16.82
CA GLY B 67 6.33 -13.20 -17.18
C GLY B 67 6.84 -14.10 -16.08
N VAL B 68 7.85 -14.88 -16.44
CA VAL B 68 8.46 -15.84 -15.50
C VAL B 68 9.65 -15.18 -14.83
N PRO B 69 9.62 -15.13 -13.51
CA PRO B 69 10.66 -14.48 -12.76
C PRO B 69 11.87 -15.40 -12.68
N ILE B 70 13.03 -14.85 -13.03
CA ILE B 70 14.30 -15.57 -12.92
C ILE B 70 15.21 -15.01 -11.81
N PHE B 71 15.39 -15.81 -10.78
CA PHE B 71 16.08 -15.45 -9.56
C PHE B 71 17.31 -16.37 -9.32
N GLY B 72 18.38 -15.82 -8.81
CA GLY B 72 19.58 -16.60 -8.47
C GLY B 72 20.74 -16.52 -9.45
N LEU B 73 20.75 -15.51 -10.31
CA LEU B 73 21.84 -15.35 -11.27
C LEU B 73 23.18 -14.92 -10.61
N TYR B 74 24.27 -15.24 -11.27
CA TYR B 74 25.60 -14.80 -10.90
C TYR B 74 25.90 -13.51 -11.61
N GLN B 75 26.73 -12.66 -10.99
CA GLN B 75 27.11 -11.45 -11.66
C GLN B 75 28.09 -11.65 -12.80
N LYS B 76 28.03 -10.78 -13.79
CA LYS B 76 29.05 -10.68 -14.81
C LYS B 76 29.32 -12.08 -15.40
N PHE B 77 28.25 -12.79 -15.73
CA PHE B 77 28.30 -14.20 -16.10
C PHE B 77 27.23 -14.60 -17.12
N ALA B 78 27.58 -15.59 -17.94
CA ALA B 78 26.64 -16.19 -18.92
C ALA B 78 25.90 -17.27 -18.20
N ASN B 79 24.91 -16.88 -17.42
CA ASN B 79 24.09 -17.79 -16.63
C ASN B 79 23.32 -18.68 -17.56
N LYS B 80 23.14 -19.92 -17.12
CA LYS B 80 22.44 -20.97 -17.88
C LYS B 80 21.17 -21.28 -17.12
N VAL B 81 20.05 -21.02 -17.78
CA VAL B 81 18.74 -21.04 -17.13
C VAL B 81 17.78 -21.93 -17.90
N THR B 82 17.04 -22.75 -17.15
CA THR B 82 16.05 -23.64 -17.70
C THR B 82 14.67 -23.29 -17.16
N VAL B 83 13.74 -23.04 -18.06
CA VAL B 83 12.37 -22.79 -17.70
C VAL B 83 11.51 -23.90 -18.34
N GLU B 84 10.67 -24.52 -17.52
CA GLU B 84 9.75 -25.56 -17.93
C GLU B 84 8.32 -25.16 -17.62
N TRP B 85 7.44 -25.40 -18.58
CA TRP B 85 6.02 -25.17 -18.38
C TRP B 85 5.12 -26.12 -19.15
N LYS B 86 3.80 -25.94 -18.94
CA LYS B 86 2.77 -26.67 -19.68
C LYS B 86 1.93 -25.64 -20.42
N GLU B 87 1.71 -25.88 -21.71
CA GLU B 87 0.98 -24.95 -22.60
C GLU B 87 0.16 -25.71 -23.63
N ASN B 88 -1.17 -25.54 -23.55
CA ASN B 88 -2.10 -26.26 -24.41
C ASN B 88 -2.01 -27.74 -24.16
N GLY B 89 -1.95 -28.11 -22.87
CA GLY B 89 -1.79 -29.52 -22.46
C GLY B 89 -0.42 -30.15 -22.70
N LYS B 90 0.42 -29.52 -23.55
CA LYS B 90 1.74 -30.02 -23.93
C LYS B 90 2.89 -29.54 -22.99
N VAL B 91 3.85 -30.43 -22.72
CA VAL B 91 5.00 -30.12 -21.88
C VAL B 91 6.11 -29.40 -22.66
N MET B 92 6.58 -28.28 -22.09
CA MET B 92 7.52 -27.38 -22.77
C MET B 92 8.73 -27.07 -21.93
N LYS B 93 9.79 -26.66 -22.61
CA LYS B 93 11.08 -26.41 -21.98
C LYS B 93 11.91 -25.47 -22.84
N ASP B 94 12.51 -24.46 -22.22
CA ASP B 94 13.46 -23.56 -22.94
C ASP B 94 14.72 -23.46 -22.13
N ASP B 95 15.83 -23.33 -22.83
CA ASP B 95 17.14 -23.15 -22.24
C ASP B 95 17.63 -21.82 -22.66
N TYR B 96 17.95 -20.97 -21.67
CA TYR B 96 18.37 -19.59 -21.94
C TYR B 96 19.75 -19.32 -21.40
N VAL B 97 20.51 -18.53 -22.15
CA VAL B 97 21.75 -17.96 -21.65
C VAL B 97 21.49 -16.49 -21.28
N VAL B 98 21.49 -16.22 -19.98
CA VAL B 98 21.20 -14.89 -19.45
C VAL B 98 22.45 -14.22 -18.93
N HIS B 99 22.98 -13.32 -19.73
CA HIS B 99 24.09 -12.51 -19.33
C HIS B 99 23.69 -11.42 -18.38
N THR B 100 24.50 -11.27 -17.33
CA THR B 100 24.31 -10.28 -16.32
C THR B 100 25.43 -9.20 -16.33
N SER B 101 25.20 -8.11 -15.60
CA SER B 101 26.21 -7.08 -15.39
C SER B 101 26.75 -7.19 -13.98
N ALA B 102 27.47 -6.17 -13.54
CA ALA B 102 28.15 -6.18 -12.24
C ALA B 102 27.33 -5.61 -11.07
N ILE B 103 27.69 -6.04 -9.87
CA ILE B 103 27.27 -5.44 -8.61
C ILE B 103 28.17 -4.22 -8.34
N VAL B 104 27.52 -3.09 -8.07
CA VAL B 104 28.20 -1.83 -7.80
C VAL B 104 27.98 -1.43 -6.36
N ASN B 105 29.07 -1.10 -5.67
CA ASN B 105 28.97 -0.46 -4.37
C ASN B 105 29.21 0.99 -4.57
N ASN B 106 28.16 1.80 -4.34
CA ASN B 106 28.24 3.26 -4.56
C ASN B 106 28.78 4.04 -3.40
N TYR B 107 29.20 3.36 -2.34
CA TYR B 107 29.74 4.04 -1.15
C TYR B 107 31.13 3.55 -0.73
N MET B 108 32.14 4.15 -1.32
CA MET B 108 33.51 3.81 -1.06
C MET B 108 34.38 5.03 -0.78
N ASP B 109 35.33 4.88 0.15
CA ASP B 109 36.34 5.91 0.40
C ASP B 109 37.65 5.23 0.87
N ASN B 110 38.56 6.00 1.43
CA ASN B 110 39.86 5.49 1.88
C ASN B 110 39.79 4.41 2.96
N ARG B 111 38.65 4.22 3.59
CA ARG B 111 38.47 3.15 4.53
C ARG B 111 38.21 1.81 3.85
N SER B 112 37.72 1.88 2.63
CA SER B 112 37.30 0.69 1.90
C SER B 112 38.47 -0.27 1.72
N ILE B 113 38.20 -1.52 2.08
CA ILE B 113 39.13 -2.62 1.91
C ILE B 113 39.12 -3.04 0.44
N SER B 114 37.91 -3.24 -0.07
CA SER B 114 37.59 -3.41 -1.50
C SER B 114 36.13 -2.98 -1.66
N ASP B 115 35.57 -3.13 -2.86
CA ASP B 115 34.19 -2.73 -3.10
C ASP B 115 33.11 -3.59 -2.46
N LEU B 116 33.26 -4.89 -2.54
CA LEU B 116 32.27 -5.81 -1.99
C LEU B 116 32.74 -6.44 -0.67
N GLN B 117 31.78 -6.92 0.08
CA GLN B 117 32.06 -7.64 1.30
C GLN B 117 32.52 -9.05 0.97
N GLN B 118 33.56 -9.51 1.65
CA GLN B 118 34.13 -10.82 1.35
C GLN B 118 33.43 -11.91 2.11
N THR B 119 33.30 -13.06 1.46
CA THR B 119 32.75 -14.24 2.14
C THR B 119 33.85 -15.34 2.28
N LYS B 120 33.89 -15.97 3.44
CA LYS B 120 34.71 -17.16 3.67
C LYS B 120 33.82 -18.32 4.11
N VAL B 121 33.76 -19.38 3.30
CA VAL B 121 33.02 -20.61 3.70
C VAL B 121 33.88 -21.44 4.64
N ILE B 122 33.37 -21.71 5.84
CA ILE B 122 34.10 -22.43 6.88
C ILE B 122 33.65 -23.90 6.97
N LYS B 123 32.35 -24.14 6.87
CA LYS B 123 31.79 -25.46 6.97
C LYS B 123 30.45 -25.52 6.28
N VAL B 124 30.27 -26.54 5.44
CA VAL B 124 28.96 -26.89 4.86
C VAL B 124 28.74 -28.39 4.91
N ALA B 125 27.96 -28.84 5.89
CA ALA B 125 27.66 -30.24 6.06
C ALA B 125 26.91 -30.72 4.82
N PRO B 126 27.09 -32.02 4.47
CA PRO B 126 26.32 -32.57 3.35
C PRO B 126 24.84 -32.46 3.61
N GLY B 127 24.08 -32.08 2.59
CA GLY B 127 22.62 -31.88 2.74
C GLY B 127 22.22 -30.46 3.09
N PHE B 128 23.17 -29.54 3.03
CA PHE B 128 22.94 -28.11 3.28
C PHE B 128 23.54 -27.26 2.17
N GLU B 129 23.83 -27.87 1.03
CA GLU B 129 24.48 -27.17 -0.07
C GLU B 129 23.56 -26.14 -0.71
N ASP B 130 22.25 -26.36 -0.59
CA ASP B 130 21.24 -25.57 -1.31
C ASP B 130 20.79 -24.32 -0.55
N ARG B 131 21.25 -24.18 0.69
CA ARG B 131 20.86 -23.08 1.55
C ARG B 131 21.27 -21.72 0.99
N LEU B 132 20.32 -20.78 1.05
CA LEU B 132 20.52 -19.36 0.67
C LEU B 132 20.25 -18.46 1.85
N TYR B 133 21.13 -17.48 2.03
CA TYR B 133 20.99 -16.54 3.11
C TYR B 133 21.00 -15.11 2.60
N LEU B 134 20.03 -14.32 3.07
CA LEU B 134 19.95 -12.92 2.73
C LEU B 134 20.61 -12.14 3.83
N VAL B 135 21.63 -11.37 3.47
CA VAL B 135 22.40 -10.63 4.43
C VAL B 135 22.01 -9.16 4.39
N ASN B 136 21.54 -8.71 5.56
CA ASN B 136 21.14 -7.36 5.78
C ASN B 136 22.24 -6.61 6.47
N THR B 137 23.14 -6.07 5.66
CA THR B 137 24.26 -5.33 6.18
C THR B 137 24.38 -4.00 5.46
N HIS B 138 25.39 -3.23 5.81
CA HIS B 138 25.49 -1.84 5.46
C HIS B 138 26.91 -1.41 5.33
N THR B 139 27.13 -0.22 4.80
CA THR B 139 28.45 0.32 4.53
C THR B 139 28.48 1.83 4.76
N PHE B 140 29.52 2.30 5.42
CA PHE B 140 29.63 3.68 5.79
C PHE B 140 29.66 4.59 4.58
N THR B 141 29.04 5.76 4.72
CA THR B 141 29.07 6.79 3.69
C THR B 141 30.23 7.70 3.99
N ALA B 142 30.75 8.35 2.96
CA ALA B 142 31.87 9.28 3.15
C ALA B 142 31.52 10.35 4.15
N GLN B 143 30.30 10.84 4.04
CA GLN B 143 29.79 12.02 4.79
C GLN B 143 29.63 11.73 6.28
N GLY B 144 29.21 10.51 6.59
CA GLY B 144 28.82 10.19 7.94
C GLY B 144 27.49 10.83 8.25
N SER B 145 27.09 10.77 9.50
CA SER B 145 25.85 11.40 9.98
C SER B 145 25.85 12.90 9.74
N ASP B 146 25.00 13.40 8.86
CA ASP B 146 25.01 14.82 8.59
C ASP B 146 23.73 15.57 9.01
N LEU B 147 22.72 14.87 9.53
CA LEU B 147 21.46 15.52 9.86
C LEU B 147 20.89 15.16 11.24
N HIS B 148 20.26 16.16 11.87
CA HIS B 148 19.58 16.03 13.15
C HIS B 148 18.14 16.57 13.05
N TRP B 149 17.24 15.99 13.83
CA TRP B 149 15.99 16.63 14.15
C TRP B 149 16.31 17.81 15.06
N HIS B 150 15.54 18.88 14.89
CA HIS B 150 15.58 20.09 15.73
C HIS B 150 14.61 19.86 16.90
N GLY B 151 15.10 20.07 18.13
CA GLY B 151 14.27 19.93 19.32
C GLY B 151 13.84 21.25 19.96
N GLU B 152 13.31 21.16 21.19
CA GLU B 152 12.90 22.32 21.95
C GLU B 152 13.99 22.72 22.95
N LYS B 153 14.27 24.02 22.99
CA LYS B 153 15.24 24.60 23.91
C LYS B 153 14.77 24.43 25.38
N ASP B 154 15.69 23.98 26.22
CA ASP B 154 15.42 23.82 27.64
C ASP B 154 15.61 25.20 28.31
N LYS B 155 14.86 25.41 29.39
CA LYS B 155 14.85 26.69 30.15
C LYS B 155 16.22 27.03 30.76
N ASN B 156 17.00 25.99 31.09
CA ASN B 156 18.34 26.14 31.64
C ASN B 156 19.47 26.26 30.59
N ALA B 157 19.12 26.37 29.32
CA ALA B 157 20.12 26.55 28.27
C ALA B 157 20.40 28.04 28.10
N GLY B 158 21.61 28.35 27.65
CA GLY B 158 22.03 29.73 27.39
C GLY B 158 21.02 30.49 26.55
N ILE B 159 20.80 31.73 26.89
CA ILE B 159 19.78 32.53 26.22
C ILE B 159 20.18 32.78 24.78
N LEU B 160 21.49 32.90 24.54
CA LEU B 160 22.05 33.16 23.22
C LEU B 160 22.06 31.91 22.33
N ASP B 161 22.01 30.74 22.97
CA ASP B 161 22.25 29.46 22.30
C ASP B 161 21.21 29.08 21.26
N ALA B 162 21.66 28.42 20.20
CA ALA B 162 20.79 27.81 19.21
C ALA B 162 20.01 26.66 19.88
N GLY B 163 18.92 26.23 19.24
CA GLY B 163 18.13 25.10 19.73
C GLY B 163 18.94 23.81 19.63
N PRO B 164 18.63 22.86 20.50
CA PRO B 164 19.33 21.60 20.57
C PRO B 164 18.78 20.66 19.53
N ALA B 165 19.46 19.54 19.33
CA ALA B 165 18.94 18.46 18.50
C ALA B 165 18.06 17.55 19.35
N THR B 166 17.28 16.70 18.70
CA THR B 166 16.45 15.72 19.38
C THR B 166 16.43 14.46 18.50
N GLY B 167 15.89 13.35 19.02
CA GLY B 167 15.64 12.18 18.20
C GLY B 167 16.91 11.47 17.76
N ALA B 168 16.82 10.78 16.64
CA ALA B 168 17.89 9.86 16.18
C ALA B 168 18.04 9.88 14.68
N LEU B 169 18.03 11.06 14.08
CA LEU B 169 18.13 11.18 12.64
C LEU B 169 19.49 10.70 12.12
N PRO B 170 20.58 10.94 12.88
CA PRO B 170 21.93 10.50 12.50
C PRO B 170 22.15 8.97 12.37
N PHE B 171 21.22 8.18 12.87
CA PHE B 171 21.17 6.75 12.64
C PHE B 171 20.94 6.43 11.17
N ASP B 172 21.97 6.63 10.37
CA ASP B 172 21.84 6.72 8.93
C ASP B 172 23.07 6.16 8.25
N ILE B 173 22.85 5.25 7.31
CA ILE B 173 23.96 4.51 6.67
C ILE B 173 23.51 3.82 5.39
N ALA B 174 24.40 3.72 4.40
CA ALA B 174 24.11 3.05 3.14
C ALA B 174 23.87 1.59 3.36
N PRO B 175 22.91 0.99 2.64
CA PRO B 175 22.66 -0.46 2.77
C PRO B 175 23.56 -1.31 1.86
N PHE B 176 23.73 -2.57 2.24
CA PHE B 176 24.55 -3.56 1.48
C PHE B 176 23.79 -4.92 1.53
N THR B 177 23.02 -5.22 0.50
CA THR B 177 21.94 -6.20 0.64
C THR B 177 22.09 -7.24 -0.46
N PHE B 178 22.37 -8.48 -0.03
CA PHE B 178 22.65 -9.57 -0.96
C PHE B 178 22.29 -10.91 -0.38
N ILE B 179 22.07 -11.86 -1.28
CA ILE B 179 21.92 -13.26 -0.93
C ILE B 179 23.22 -14.00 -1.26
N VAL B 180 23.72 -14.75 -0.28
CA VAL B 180 24.91 -15.61 -0.45
C VAL B 180 24.51 -17.08 -0.44
N ASP B 181 25.13 -17.88 -1.33
CA ASP B 181 25.04 -19.35 -1.26
C ASP B 181 26.19 -20.04 -0.46
N THR B 182 26.15 -21.37 -0.39
CA THR B 182 27.19 -22.14 0.38
C THR B 182 28.57 -22.27 -0.29
N GLU B 183 28.71 -21.82 -1.53
CA GLU B 183 30.00 -21.58 -2.15
C GLU B 183 30.49 -20.19 -1.88
N GLY B 184 29.69 -19.40 -1.15
CA GLY B 184 30.02 -18.02 -0.82
C GLY B 184 29.85 -17.02 -1.96
N GLU B 185 29.09 -17.40 -2.96
CA GLU B 185 28.79 -16.49 -4.08
C GLU B 185 27.52 -15.64 -3.84
N TYR B 186 27.58 -14.41 -4.30
CA TYR B 186 26.42 -13.52 -4.35
C TYR B 186 25.50 -14.03 -5.43
N ARG B 187 24.27 -14.35 -5.04
CA ARG B 187 23.23 -14.82 -5.97
C ARG B 187 22.02 -13.86 -6.08
N TRP B 188 22.08 -12.74 -5.37
CA TRP B 188 21.11 -11.66 -5.46
C TRP B 188 21.70 -10.42 -4.87
N TRP B 189 21.35 -9.30 -5.46
CA TRP B 189 21.77 -7.98 -5.02
C TRP B 189 20.61 -6.97 -5.08
N LEU B 190 20.40 -6.25 -3.99
CA LEU B 190 19.45 -5.18 -4.02
C LEU B 190 20.15 -3.86 -4.23
N ASP B 191 19.92 -3.24 -5.38
CA ASP B 191 20.58 -1.97 -5.72
C ASP B 191 20.44 -0.99 -4.56
N GLN B 192 21.51 -0.30 -4.23
CA GLN B 192 21.52 0.56 -3.06
C GLN B 192 20.57 1.77 -3.22
N ASP B 193 20.38 2.18 -4.45
CA ASP B 193 19.51 3.27 -4.82
C ASP B 193 18.05 2.93 -4.74
N THR B 194 17.71 1.67 -4.50
CA THR B 194 16.33 1.28 -4.33
C THR B 194 15.64 2.13 -3.26
N PHE B 195 16.31 2.25 -2.13
CA PHE B 195 15.76 2.95 -1.00
C PHE B 195 16.62 4.10 -0.54
N TYR B 196 17.90 4.12 -0.92
CA TYR B 196 18.86 5.00 -0.27
C TYR B 196 19.53 5.95 -1.22
N ASP B 197 19.77 7.17 -0.74
CA ASP B 197 20.60 8.12 -1.49
C ASP B 197 21.33 8.97 -0.49
N GLY B 198 22.60 8.68 -0.28
CA GLY B 198 23.38 9.30 0.76
C GLY B 198 24.08 10.55 0.33
N ARG B 199 24.04 10.83 -0.96
CA ARG B 199 24.55 12.09 -1.49
C ARG B 199 23.52 13.25 -1.54
N ASP B 200 22.27 12.93 -1.80
CA ASP B 200 21.21 13.90 -1.69
C ASP B 200 20.83 14.20 -0.23
N ARG B 201 20.23 15.36 -0.02
CA ARG B 201 19.70 15.74 1.31
C ARG B 201 18.18 15.55 1.39
N ASP B 202 17.69 14.48 0.78
CA ASP B 202 16.30 14.11 0.89
C ASP B 202 16.11 13.04 1.97
N ILE B 203 15.62 13.47 3.11
CA ILE B 203 15.48 12.62 4.30
C ILE B 203 14.56 11.45 4.02
N ASN B 204 13.73 11.58 3.00
CA ASN B 204 12.87 10.45 2.59
C ASN B 204 13.66 9.28 2.06
N LYS B 205 14.91 9.53 1.72
CA LYS B 205 15.80 8.49 1.23
C LYS B 205 17.06 8.27 2.11
N ARG B 206 16.96 8.60 3.39
CA ARG B 206 17.99 8.35 4.36
C ARG B 206 17.47 7.41 5.43
N GLY B 207 18.37 6.96 6.29
CA GLY B 207 18.03 6.02 7.33
C GLY B 207 18.92 4.79 7.36
N TYR B 208 18.43 3.78 8.04
CA TYR B 208 19.12 2.55 8.27
C TYR B 208 18.23 1.38 7.88
N LEU B 209 18.47 0.81 6.70
CA LEU B 209 17.62 -0.26 6.23
C LEU B 209 17.69 -1.49 7.09
N MET B 210 16.59 -1.83 7.71
CA MET B 210 16.55 -2.84 8.75
C MET B 210 15.21 -3.51 8.79
N GLY B 211 15.09 -4.47 9.69
CA GLY B 211 13.87 -5.19 9.90
C GLY B 211 13.32 -5.83 8.66
N ILE B 212 14.21 -6.46 7.87
CA ILE B 212 13.79 -7.27 6.70
C ILE B 212 13.22 -8.58 7.18
N ARG B 213 11.92 -8.75 6.94
CA ARG B 213 11.20 -9.91 7.38
C ARG B 213 10.26 -10.35 6.28
N GLU B 214 10.04 -11.65 6.21
CA GLU B 214 9.26 -12.26 5.16
C GLU B 214 7.81 -12.13 5.53
N THR B 215 6.98 -12.04 4.50
CA THR B 215 5.54 -11.92 4.64
C THR B 215 4.92 -13.24 4.23
N PRO B 216 3.63 -13.43 4.58
CA PRO B 216 2.84 -14.56 4.09
C PRO B 216 2.76 -14.70 2.56
N ARG B 217 3.19 -13.69 1.81
CA ARG B 217 3.17 -13.75 0.33
C ARG B 217 4.49 -14.10 -0.30
N GLY B 218 5.51 -14.29 0.53
CA GLY B 218 6.87 -14.56 0.06
C GLY B 218 7.59 -13.27 -0.34
N THR B 219 7.02 -12.15 0.10
CA THR B 219 7.62 -10.86 -0.12
C THR B 219 8.23 -10.41 1.21
N PHE B 220 8.90 -9.27 1.20
CA PHE B 220 9.50 -8.81 2.43
C PHE B 220 9.12 -7.39 2.83
N THR B 221 8.93 -7.15 4.12
CA THR B 221 8.84 -5.81 4.67
C THR B 221 10.17 -5.28 5.16
N ALA B 222 10.27 -3.97 5.31
CA ALA B 222 11.50 -3.32 5.76
C ALA B 222 11.21 -1.89 6.21
N VAL B 223 12.10 -1.33 7.02
CA VAL B 223 12.01 0.05 7.49
C VAL B 223 13.29 0.78 7.11
N GLN B 224 13.17 2.06 6.89
CA GLN B 224 14.29 2.92 6.70
C GLN B 224 13.91 4.36 6.97
N GLY B 225 14.41 4.86 8.09
CA GLY B 225 14.21 6.27 8.49
C GLY B 225 12.76 6.54 8.77
N GLN B 226 12.15 7.32 7.87
CA GLN B 226 10.77 7.79 8.05
C GLN B 226 9.76 7.07 7.17
N HIS B 227 10.21 6.00 6.54
CA HIS B 227 9.36 5.19 5.68
C HIS B 227 9.42 3.73 6.01
N TRP B 228 8.38 3.02 5.61
CA TRP B 228 8.36 1.57 5.66
C TRP B 228 7.94 1.00 4.33
N TYR B 229 8.41 -0.21 4.06
CA TYR B 229 8.34 -0.77 2.72
C TYR B 229 7.92 -2.21 2.64
N GLU B 230 7.56 -2.60 1.43
CA GLU B 230 7.40 -3.99 1.10
C GLU B 230 7.99 -4.12 -0.27
N PHE B 231 8.86 -5.10 -0.43
CA PHE B 231 9.47 -5.38 -1.73
C PHE B 231 9.50 -6.87 -1.96
N ASP B 232 9.73 -7.24 -3.21
CA ASP B 232 9.84 -8.66 -3.57
C ASP B 232 11.18 -8.96 -4.22
N MET B 233 11.41 -10.24 -4.47
CA MET B 233 12.75 -10.67 -4.94
C MET B 233 13.03 -10.34 -6.38
N MET B 234 12.04 -9.89 -7.11
CA MET B 234 12.29 -9.25 -8.39
C MET B 234 12.74 -7.78 -8.30
N GLY B 235 12.84 -7.26 -7.08
CA GLY B 235 13.17 -5.88 -6.85
C GLY B 235 12.04 -4.91 -7.05
N GLN B 236 10.82 -5.42 -7.04
CA GLN B 236 9.65 -4.59 -7.13
C GLN B 236 9.36 -4.00 -5.75
N VAL B 237 9.35 -2.66 -5.68
CA VAL B 237 8.91 -1.98 -4.44
C VAL B 237 7.39 -1.98 -4.44
N LEU B 238 6.81 -2.85 -3.64
CA LEU B 238 5.38 -3.07 -3.62
C LEU B 238 4.59 -2.09 -2.74
N GLU B 239 5.19 -1.68 -1.63
CA GLU B 239 4.65 -0.66 -0.77
C GLU B 239 5.74 0.31 -0.35
N ASP B 240 5.39 1.58 -0.29
CA ASP B 240 6.24 2.64 0.21
C ASP B 240 5.34 3.62 0.97
N HIS B 241 5.41 3.55 2.29
CA HIS B 241 4.61 4.39 3.18
C HIS B 241 5.43 5.26 4.07
N LYS B 242 5.10 6.54 4.11
CA LYS B 242 5.59 7.43 5.14
C LYS B 242 5.02 7.00 6.47
N LEU B 243 5.82 7.17 7.54
CA LEU B 243 5.31 6.95 8.89
C LEU B 243 4.20 7.95 9.14
N PRO B 244 3.21 7.59 9.94
CA PRO B 244 2.20 8.59 10.35
C PRO B 244 2.84 9.79 11.01
N ARG B 245 2.22 10.96 10.84
CA ARG B 245 2.87 12.24 11.11
C ARG B 245 3.33 12.39 12.55
N GLY B 246 2.70 11.65 13.46
CA GLY B 246 3.11 11.72 14.86
C GLY B 246 4.39 11.02 15.24
N PHE B 247 4.91 10.19 14.33
CA PHE B 247 6.03 9.28 14.60
C PHE B 247 7.21 9.49 13.69
N ALA B 248 8.35 9.03 14.16
CA ALA B 248 9.61 9.19 13.45
C ALA B 248 10.59 8.03 13.73
N ASP B 249 11.63 7.95 12.90
CA ASP B 249 12.80 7.09 13.14
C ASP B 249 12.43 5.62 13.36
N ALA B 250 11.93 4.99 12.31
CA ALA B 250 11.63 3.54 12.37
C ALA B 250 12.92 2.71 12.11
N THR B 251 13.23 1.83 13.04
CA THR B 251 14.45 1.03 12.97
C THR B 251 14.18 -0.37 13.45
N HIS B 252 15.12 -1.26 13.11
CA HIS B 252 15.27 -2.60 13.73
C HIS B 252 14.29 -3.67 13.29
N GLU B 253 13.02 -3.35 13.16
CA GLU B 253 12.02 -4.38 12.92
C GLU B 253 10.78 -3.89 12.18
N SER B 254 10.27 -4.79 11.37
CA SER B 254 9.02 -4.65 10.69
C SER B 254 8.49 -6.07 10.49
N ILE B 255 7.32 -6.36 11.03
CA ILE B 255 6.73 -7.69 10.86
C ILE B 255 5.25 -7.65 10.54
N GLU B 256 4.88 -8.24 9.41
CA GLU B 256 3.51 -8.48 9.11
C GLU B 256 2.86 -9.53 10.00
N THR B 257 1.68 -9.20 10.50
CA THR B 257 0.89 -10.13 11.32
C THR B 257 -0.08 -10.89 10.42
N PRO B 258 -0.75 -11.91 10.96
CA PRO B 258 -1.81 -12.62 10.20
C PRO B 258 -3.05 -11.78 9.88
N ASN B 259 -3.25 -10.70 10.62
CA ASN B 259 -4.44 -9.87 10.42
C ASN B 259 -4.22 -8.86 9.32
N GLY B 260 -3.13 -8.97 8.57
CA GLY B 260 -2.85 -8.02 7.51
C GLY B 260 -2.03 -6.79 7.88
N THR B 261 -1.89 -6.53 9.19
CA THR B 261 -1.15 -5.36 9.68
C THR B 261 0.36 -5.57 9.78
N VAL B 262 1.07 -4.49 10.09
CA VAL B 262 2.52 -4.47 10.16
C VAL B 262 2.91 -3.78 11.45
N LEU B 263 3.78 -4.42 12.21
CA LEU B 263 4.27 -3.81 13.44
C LEU B 263 5.61 -3.14 13.20
N LEU B 264 5.73 -1.92 13.70
CA LEU B 264 6.94 -1.14 13.58
C LEU B 264 7.40 -0.64 14.92
N ARG B 265 8.68 -0.28 14.96
CA ARG B 265 9.30 0.22 16.14
C ARG B 265 9.71 1.64 15.76
N VAL B 266 9.08 2.62 16.40
CA VAL B 266 9.37 3.98 16.07
C VAL B 266 9.64 4.77 17.35
N GLY B 267 9.81 6.07 17.15
CA GLY B 267 9.78 7.05 18.24
C GLY B 267 8.63 8.02 17.98
N LYS B 268 8.19 8.67 19.04
CA LYS B 268 7.14 9.73 18.97
C LYS B 268 7.83 11.05 18.79
N SER B 269 7.50 11.76 17.71
CA SER B 269 7.92 13.14 17.54
C SER B 269 7.01 14.08 18.32
N ASN B 270 7.58 15.19 18.79
CA ASN B 270 6.86 16.20 19.59
C ASN B 270 6.10 15.58 20.76
N TYR B 271 6.82 14.73 21.47
CA TYR B 271 6.34 14.10 22.68
C TYR B 271 6.50 15.11 23.80
N ARG B 272 5.40 15.30 24.54
CA ARG B 272 5.39 16.27 25.61
C ARG B 272 5.69 15.57 26.91
N ARG B 273 6.85 15.90 27.45
CA ARG B 273 7.24 15.37 28.76
C ARG B 273 6.45 16.06 29.89
N ASP B 274 6.35 15.39 31.04
CA ASP B 274 5.69 15.96 32.24
C ASP B 274 6.20 17.36 32.60
N ASP B 275 7.46 17.66 32.33
CA ASP B 275 7.98 19.00 32.54
C ASP B 275 7.66 19.95 31.38
N GLY B 276 6.81 19.51 30.44
CA GLY B 276 6.40 20.35 29.30
C GLY B 276 7.39 20.46 28.15
N VAL B 277 8.61 19.95 28.32
CA VAL B 277 9.60 19.96 27.21
C VAL B 277 9.16 18.91 26.17
N HIS B 278 9.29 19.30 24.91
CA HIS B 278 8.93 18.43 23.79
C HIS B 278 10.20 17.82 23.25
N VAL B 279 10.14 16.51 23.09
CA VAL B 279 11.24 15.75 22.50
C VAL B 279 10.71 14.76 21.43
N THR B 280 11.59 14.32 20.53
CA THR B 280 11.35 13.07 19.80
C THR B 280 11.87 11.94 20.69
N THR B 281 10.99 10.98 21.04
CA THR B 281 11.43 9.86 21.83
C THR B 281 12.23 8.82 21.00
N ILE B 282 13.05 8.06 21.71
CA ILE B 282 14.00 7.11 21.14
C ILE B 282 13.54 5.64 21.31
N ARG B 283 13.25 4.99 20.19
CA ARG B 283 13.09 3.54 20.13
C ARG B 283 12.21 2.97 21.18
N ASP B 284 11.13 3.69 21.49
CA ASP B 284 10.26 3.26 22.60
C ASP B 284 8.80 3.23 22.30
N HIS B 285 8.45 3.20 21.01
CA HIS B 285 7.03 3.12 20.64
C HIS B 285 6.83 2.04 19.64
N ILE B 286 5.69 1.37 19.75
CA ILE B 286 5.30 0.32 18.83
C ILE B 286 4.04 0.75 18.05
N LEU B 287 4.05 0.60 16.73
CA LEU B 287 2.87 0.86 15.92
C LEU B 287 2.35 -0.38 15.34
N GLU B 288 1.04 -0.48 15.25
CA GLU B 288 0.42 -1.41 14.32
C GLU B 288 -0.25 -0.57 13.25
N VAL B 289 0.11 -0.80 11.99
CA VAL B 289 -0.39 -0.03 10.87
C VAL B 289 -0.91 -0.96 9.83
N ASP B 290 -1.88 -0.49 9.04
CA ASP B 290 -2.42 -1.30 7.95
C ASP B 290 -1.70 -0.98 6.66
N LYS B 291 -2.04 -1.69 5.60
CA LYS B 291 -1.42 -1.43 4.29
C LYS B 291 -1.88 -0.14 3.63
N SER B 292 -2.73 0.59 4.35
CA SER B 292 -3.04 1.98 4.00
C SER B 292 -2.12 2.98 4.73
N GLY B 293 -1.27 2.48 5.63
CA GLY B 293 -0.36 3.29 6.41
C GLY B 293 -1.02 3.95 7.61
N ARG B 294 -2.26 3.59 7.88
CA ARG B 294 -2.98 4.17 8.97
C ARG B 294 -2.65 3.43 10.24
N VAL B 295 -2.72 4.14 11.35
CA VAL B 295 -2.50 3.57 12.68
C VAL B 295 -3.72 2.80 13.18
N VAL B 296 -3.54 1.50 13.42
CA VAL B 296 -4.56 0.64 14.02
C VAL B 296 -4.35 0.59 15.55
N ASP B 297 -3.11 0.63 16.00
CA ASP B 297 -2.82 0.69 17.44
C ASP B 297 -1.42 1.20 17.70
N VAL B 298 -1.24 1.76 18.90
CA VAL B 298 0.08 2.22 19.33
C VAL B 298 0.38 1.86 20.76
N TRP B 299 1.60 1.41 21.01
CA TRP B 299 2.07 1.14 22.37
C TRP B 299 3.13 2.12 22.74
N ASP B 300 2.79 3.03 23.66
CA ASP B 300 3.71 4.02 24.20
C ASP B 300 4.42 3.39 25.39
N LEU B 301 5.65 2.94 25.17
CA LEU B 301 6.32 2.18 26.18
C LEU B 301 6.71 3.03 27.37
N THR B 302 6.83 4.34 27.16
CA THR B 302 7.17 5.25 28.28
C THR B 302 6.09 5.25 29.40
N LYS B 303 4.89 4.74 29.12
CA LYS B 303 3.80 4.65 30.07
C LYS B 303 3.53 3.22 30.46
N ILE B 304 4.20 2.29 29.82
CA ILE B 304 3.97 0.89 30.09
C ILE B 304 5.11 0.24 30.92
N LEU B 305 6.36 0.59 30.62
CA LEU B 305 7.52 0.08 31.34
C LEU B 305 8.05 1.16 32.26
N ASP B 306 9.24 0.95 32.81
CA ASP B 306 9.87 1.88 33.75
C ASP B 306 11.08 2.50 33.09
N PRO B 307 10.94 3.75 32.64
CA PRO B 307 11.98 4.49 31.98
C PRO B 307 13.04 5.06 32.86
N LYS B 308 12.90 4.90 34.16
CA LYS B 308 13.92 5.38 35.09
C LYS B 308 14.83 4.26 35.63
N ARG B 309 14.55 3.02 35.21
CA ARG B 309 15.31 1.85 35.58
C ARG B 309 16.65 1.75 34.87
N ASP B 310 17.72 1.89 35.64
CA ASP B 310 19.08 1.91 35.10
C ASP B 310 19.96 0.73 35.50
N ALA B 311 19.32 -0.34 35.97
CA ALA B 311 20.03 -1.55 36.42
C ALA B 311 20.95 -2.06 35.33
N LEU B 312 20.41 -2.22 34.12
CA LEU B 312 21.25 -2.60 32.98
C LEU B 312 21.93 -1.41 32.34
N LEU B 313 21.25 -0.28 32.27
CA LEU B 313 21.82 0.90 31.63
C LEU B 313 23.17 1.26 32.20
N GLY B 314 23.29 1.19 33.53
CA GLY B 314 24.54 1.54 34.22
C GLY B 314 25.66 0.49 34.13
N ALA B 315 25.31 -0.71 33.68
CA ALA B 315 26.23 -1.82 33.57
C ALA B 315 26.83 -1.96 32.21
N LEU B 316 26.83 -0.91 31.39
CA LEU B 316 27.05 -1.08 29.95
C LEU B 316 28.43 -0.64 29.50
N ASP B 317 28.84 -1.20 28.37
CA ASP B 317 30.13 -0.90 27.77
C ASP B 317 30.07 0.37 26.94
N ALA B 318 30.85 1.39 27.32
CA ALA B 318 30.99 2.65 26.58
C ALA B 318 31.18 2.46 25.06
N GLY B 319 32.05 1.54 24.67
CA GLY B 319 32.23 1.19 23.24
C GLY B 319 30.93 0.71 22.59
N LEU B 327 33.64 3.77 20.55
CA LEU B 327 34.45 3.05 19.56
C LEU B 327 35.54 3.94 18.95
N ALA B 328 36.74 3.97 19.53
CA ALA B 328 37.15 3.07 20.62
C ALA B 328 37.41 3.75 22.00
N HIS B 329 36.37 3.80 22.83
CA HIS B 329 36.49 3.96 24.30
C HIS B 329 35.94 2.67 24.94
N ALA B 330 36.43 1.54 24.41
CA ALA B 330 35.89 0.22 24.72
C ALA B 330 36.49 -0.35 26.01
N GLY B 331 35.81 -1.36 26.56
CA GLY B 331 36.19 -1.97 27.84
C GLY B 331 35.96 -1.05 29.04
N GLN B 332 34.99 -0.14 28.92
CA GLN B 332 34.74 0.89 29.95
C GLN B 332 33.25 1.03 30.28
N GLN B 333 32.93 0.79 31.56
CA GLN B 333 31.54 0.78 32.05
C GLN B 333 30.92 2.18 31.97
N ALA B 334 29.71 2.24 31.40
CA ALA B 334 28.98 3.48 31.15
C ALA B 334 28.64 4.19 32.47
N LYS B 335 29.05 5.45 32.59
CA LYS B 335 28.72 6.30 33.76
C LYS B 335 27.60 7.29 33.37
N LEU B 336 26.39 6.95 33.78
CA LEU B 336 25.20 7.76 33.50
C LEU B 336 25.33 9.11 34.18
N GLU B 337 24.63 10.10 33.62
CA GLU B 337 24.67 11.45 34.11
C GLU B 337 23.26 12.06 34.14
N PRO B 338 22.94 12.82 35.20
CA PRO B 338 21.63 13.48 35.31
C PRO B 338 21.35 14.45 34.14
N ASP B 339 22.41 15.08 33.61
CA ASP B 339 22.28 16.15 32.63
C ASP B 339 22.57 15.74 31.19
N THR B 340 22.64 14.45 30.92
CA THR B 340 22.80 13.93 29.54
C THR B 340 21.71 14.56 28.66
N PRO B 341 22.12 15.35 27.64
CA PRO B 341 21.12 16.06 26.85
C PRO B 341 20.23 15.06 26.09
N PHE B 342 18.99 15.42 25.87
CA PHE B 342 18.10 14.56 25.18
C PHE B 342 18.65 14.20 23.80
N GLY B 343 18.37 12.98 23.36
CA GLY B 343 18.95 12.51 22.11
C GLY B 343 19.22 11.02 22.17
N ASP B 344 19.82 10.52 21.10
CA ASP B 344 20.12 9.09 20.97
C ASP B 344 21.33 8.83 21.84
N ALA B 345 21.10 8.69 23.15
CA ALA B 345 22.14 8.64 24.16
C ALA B 345 21.67 7.80 25.31
N LEU B 346 22.57 6.94 25.81
CA LEU B 346 22.34 6.15 27.02
C LEU B 346 21.87 7.03 28.17
N GLY B 347 20.70 6.67 28.71
CA GLY B 347 20.13 7.42 29.82
C GLY B 347 18.72 7.00 30.10
N VAL B 348 18.26 7.42 31.27
CA VAL B 348 16.87 7.21 31.66
C VAL B 348 15.97 8.37 31.14
N GLY B 349 14.68 8.10 31.06
CA GLY B 349 13.72 9.13 30.70
C GLY B 349 13.32 9.15 29.23
N PRO B 350 12.07 9.58 28.98
CA PRO B 350 11.54 9.82 27.65
C PRO B 350 12.37 10.90 26.96
N GLY B 351 13.00 10.57 25.83
CA GLY B 351 13.91 11.49 25.15
C GLY B 351 15.35 11.05 25.15
N ARG B 352 15.62 10.03 25.94
CA ARG B 352 16.91 9.35 25.92
C ARG B 352 16.73 7.90 25.54
N ASN B 353 17.84 7.22 25.31
CA ASN B 353 17.75 5.84 24.87
C ASN B 353 17.67 4.85 26.03
N TRP B 354 16.52 4.82 26.67
CA TRP B 354 16.30 4.09 27.90
C TRP B 354 15.83 2.67 27.65
N ALA B 355 15.23 2.43 26.49
CA ALA B 355 14.61 1.08 26.19
C ALA B 355 15.33 0.36 25.08
N HIS B 356 15.63 1.11 24.02
CA HIS B 356 16.23 0.59 22.83
C HIS B 356 15.59 -0.72 22.41
N VAL B 357 14.28 -0.69 22.18
CA VAL B 357 13.56 -1.86 21.67
C VAL B 357 14.08 -2.22 20.26
N ASN B 358 14.42 -3.50 20.04
CA ASN B 358 15.10 -3.93 18.80
C ASN B 358 14.48 -5.14 18.11
N SER B 359 13.36 -5.62 18.63
CA SER B 359 12.61 -6.67 17.95
C SER B 359 11.19 -6.75 18.45
N ILE B 360 10.31 -7.34 17.64
CA ILE B 360 8.91 -7.49 17.96
C ILE B 360 8.46 -8.83 17.45
N ALA B 361 7.65 -9.50 18.26
CA ALA B 361 6.99 -10.72 17.86
C ALA B 361 5.51 -10.61 18.24
N TYR B 362 4.65 -11.10 17.34
CA TYR B 362 3.23 -11.10 17.54
C TYR B 362 2.77 -12.47 18.01
N ASP B 363 2.18 -12.50 19.19
CA ASP B 363 1.60 -13.72 19.71
C ASP B 363 0.15 -13.80 19.26
N ALA B 364 -0.10 -14.57 18.23
CA ALA B 364 -1.45 -14.70 17.71
C ALA B 364 -2.39 -15.26 18.77
N LYS B 365 -1.88 -16.11 19.66
CA LYS B 365 -2.70 -16.85 20.61
C LYS B 365 -3.52 -15.95 21.53
N ASP B 366 -2.95 -14.83 21.96
CA ASP B 366 -3.64 -13.89 22.84
C ASP B 366 -3.57 -12.42 22.39
N ASP B 367 -3.34 -12.21 21.08
CA ASP B 367 -3.31 -10.89 20.46
C ASP B 367 -2.41 -9.99 21.26
N SER B 368 -1.19 -10.44 21.46
CA SER B 368 -0.22 -9.69 22.26
C SER B 368 1.07 -9.56 21.49
N ILE B 369 1.98 -8.77 22.03
CA ILE B 369 3.29 -8.55 21.43
C ILE B 369 4.43 -8.83 22.43
N ILE B 370 5.51 -9.41 21.92
CA ILE B 370 6.72 -9.65 22.71
C ILE B 370 7.81 -8.74 22.20
N LEU B 371 8.42 -8.00 23.12
CA LEU B 371 9.43 -7.02 22.77
C LEU B 371 10.78 -7.35 23.33
N SER B 372 11.84 -7.15 22.52
CA SER B 372 13.18 -7.20 23.03
C SER B 372 13.63 -5.79 23.28
N SER B 373 13.83 -5.43 24.54
CA SER B 373 14.41 -4.18 24.93
C SER B 373 15.88 -4.39 25.34
N ARG B 374 16.79 -3.80 24.60
CA ARG B 374 18.19 -3.97 24.78
C ARG B 374 18.63 -3.57 26.17
N HIS B 375 17.91 -2.60 26.74
CA HIS B 375 18.37 -1.95 27.98
C HIS B 375 17.55 -2.31 29.19
N GLN B 376 16.55 -3.17 29.00
CA GLN B 376 15.63 -3.49 30.10
C GLN B 376 15.41 -4.98 30.24
N GLY B 377 15.29 -5.67 29.11
CA GLY B 377 14.97 -7.07 29.08
C GLY B 377 13.98 -7.43 28.01
N VAL B 378 13.24 -8.50 28.23
CA VAL B 378 12.30 -9.02 27.27
C VAL B 378 10.90 -9.08 27.93
N VAL B 379 9.91 -8.45 27.29
CA VAL B 379 8.55 -8.32 27.87
C VAL B 379 7.46 -8.69 26.90
N LYS B 380 6.38 -9.25 27.42
CA LYS B 380 5.14 -9.42 26.69
C LYS B 380 4.20 -8.35 27.15
N ILE B 381 3.56 -7.69 26.20
CA ILE B 381 2.52 -6.66 26.49
C ILE B 381 1.25 -7.04 25.77
N GLY B 382 0.12 -6.85 26.46
CA GLY B 382 -1.15 -7.24 25.85
C GLY B 382 -1.66 -6.15 24.91
N ARG B 383 -2.65 -6.52 24.10
CA ARG B 383 -3.48 -5.54 23.39
C ARG B 383 -4.00 -4.45 24.33
N ASP B 384 -4.25 -4.84 25.58
CA ASP B 384 -4.77 -3.98 26.65
C ASP B 384 -3.71 -3.06 27.25
N LYS B 385 -2.53 -3.07 26.67
CA LYS B 385 -1.40 -2.23 27.13
C LYS B 385 -0.91 -2.53 28.56
N GLN B 386 -1.19 -3.74 29.08
CA GLN B 386 -0.70 -4.19 30.39
CA GLN B 386 -0.59 -4.12 30.34
C GLN B 386 0.51 -5.14 30.16
N VAL B 387 1.55 -4.98 30.98
CA VAL B 387 2.62 -5.97 31.03
C VAL B 387 2.10 -7.33 31.49
N LYS B 388 2.39 -8.35 30.69
CA LYS B 388 1.94 -9.73 30.97
C LYS B 388 3.05 -10.46 31.72
N TRP B 389 4.24 -10.46 31.14
CA TRP B 389 5.40 -10.93 31.85
C TRP B 389 6.65 -10.22 31.39
N ILE B 390 7.66 -10.30 32.25
CA ILE B 390 9.00 -9.77 31.99
C ILE B 390 10.05 -10.88 32.21
N LEU B 391 11.00 -10.98 31.30
CA LEU B 391 12.15 -11.89 31.43
C LEU B 391 13.40 -11.10 31.60
N ALA B 392 13.85 -10.96 32.85
CA ALA B 392 15.02 -10.16 33.13
C ALA B 392 15.50 -10.40 34.57
N PRO B 393 16.76 -10.04 34.86
CA PRO B 393 17.24 -9.95 36.24
C PRO B 393 16.26 -9.10 37.02
N SER B 394 16.15 -9.36 38.32
CA SER B 394 15.13 -8.70 39.16
C SER B 394 15.52 -7.30 39.67
N LYS B 395 16.81 -7.00 39.64
CA LYS B 395 17.32 -5.72 40.11
C LYS B 395 16.59 -4.58 39.44
N GLY B 396 16.34 -3.51 40.18
CA GLY B 396 15.86 -2.25 39.61
C GLY B 396 14.37 -2.16 39.34
N TRP B 397 13.70 -3.31 39.22
CA TRP B 397 12.27 -3.32 38.96
C TRP B 397 11.47 -3.05 40.22
N GLU B 398 10.51 -2.13 40.12
CA GLU B 398 9.59 -1.82 41.22
C GLU B 398 8.25 -2.49 41.01
N LYS B 399 7.47 -2.57 42.09
CA LYS B 399 6.07 -2.98 42.01
C LYS B 399 5.34 -1.75 41.44
N PRO B 400 4.46 -1.94 40.44
CA PRO B 400 3.73 -3.14 40.04
C PRO B 400 4.47 -4.10 39.14
N LEU B 401 5.60 -3.69 38.58
CA LEU B 401 6.23 -4.47 37.51
C LEU B 401 7.01 -5.70 38.03
N ALA B 402 7.65 -5.55 39.19
CA ALA B 402 8.43 -6.66 39.78
C ALA B 402 7.57 -7.93 39.85
N SER B 403 6.28 -7.76 40.11
CA SER B 403 5.36 -8.91 40.20
C SER B 403 5.22 -9.68 38.89
N LYS B 404 5.71 -9.09 37.81
CA LYS B 404 5.55 -9.68 36.46
C LYS B 404 6.77 -10.47 35.99
N LEU B 405 7.86 -10.37 36.74
CA LEU B 405 9.10 -11.11 36.46
C LEU B 405 8.84 -12.60 36.53
N LEU B 406 9.21 -13.29 35.47
CA LEU B 406 9.03 -14.74 35.42
C LEU B 406 10.02 -15.39 36.40
N LYS B 407 9.71 -16.60 36.85
CA LYS B 407 10.55 -17.29 37.83
C LYS B 407 11.26 -18.48 37.19
N PRO B 408 12.61 -18.47 37.23
CA PRO B 408 13.41 -19.55 36.65
C PRO B 408 13.16 -20.90 37.34
N VAL B 409 12.98 -21.95 36.54
CA VAL B 409 12.75 -23.31 37.02
C VAL B 409 13.53 -24.30 36.17
N ASP B 410 13.65 -25.54 36.64
CA ASP B 410 14.42 -26.57 35.93
C ASP B 410 13.52 -27.50 35.12
N ALA B 411 14.11 -28.56 34.56
CA ALA B 411 13.38 -29.55 33.77
C ALA B 411 12.20 -30.18 34.53
N ASN B 412 12.28 -30.24 35.86
CA ASN B 412 11.19 -30.80 36.70
C ASN B 412 10.31 -29.71 37.30
N GLY B 413 10.73 -28.47 37.16
CA GLY B 413 9.92 -27.33 37.56
C GLY B 413 10.27 -26.76 38.93
N LYS B 414 11.40 -27.16 39.48
CA LYS B 414 11.83 -26.64 40.77
C LYS B 414 12.58 -25.33 40.63
N PRO B 415 12.22 -24.32 41.43
CA PRO B 415 12.89 -23.02 41.45
C PRO B 415 14.39 -23.11 41.34
N ILE B 416 14.98 -22.25 40.52
CA ILE B 416 16.43 -22.07 40.45
C ILE B 416 16.70 -20.82 41.23
N THR B 417 17.83 -20.75 41.92
CA THR B 417 18.11 -19.62 42.81
C THR B 417 19.02 -18.64 42.13
N CYS B 418 18.56 -17.38 42.02
CA CYS B 418 19.30 -16.33 41.30
C CYS B 418 19.32 -15.08 42.12
N ASN B 419 20.47 -14.41 42.11
CA ASN B 419 20.57 -13.11 42.73
C ASN B 419 19.92 -12.05 41.81
N GLU B 420 19.82 -10.83 42.32
CA GLU B 420 19.15 -9.76 41.58
C GLU B 420 19.87 -9.41 40.27
N ASN B 421 21.13 -9.79 40.16
CA ASN B 421 21.88 -9.56 38.93
C ASN B 421 21.70 -10.63 37.86
N GLY B 422 20.91 -11.63 38.18
CA GLY B 422 20.62 -12.71 37.24
C GLY B 422 21.67 -13.82 37.17
N LEU B 423 22.52 -13.89 38.19
CA LEU B 423 23.50 -14.98 38.31
C LEU B 423 22.85 -16.12 39.08
N CYS B 424 22.74 -17.27 38.43
CA CYS B 424 22.07 -18.43 39.05
C CYS B 424 23.00 -19.43 39.73
N GLU B 425 22.43 -20.14 40.72
CA GLU B 425 23.14 -21.16 41.49
C GLU B 425 22.97 -22.54 40.88
N ASN B 426 24.09 -23.25 40.73
CA ASN B 426 24.07 -24.67 40.34
C ASN B 426 23.15 -24.91 39.16
N SER B 427 23.23 -24.06 38.13
CA SER B 427 22.39 -24.22 36.94
C SER B 427 23.04 -23.64 35.70
N ASP B 428 22.71 -24.24 34.57
CA ASP B 428 23.04 -23.69 33.24
C ASP B 428 22.13 -22.48 32.85
N PHE B 429 21.05 -22.27 33.60
CA PHE B 429 20.16 -21.15 33.38
C PHE B 429 20.88 -19.83 33.50
N ASP B 430 20.59 -18.97 32.56
CA ASP B 430 21.04 -17.57 32.59
C ASP B 430 19.99 -16.70 31.88
N PHE B 431 19.88 -15.46 32.33
CA PHE B 431 19.02 -14.50 31.69
C PHE B 431 19.71 -14.01 30.43
N THR B 432 19.04 -13.12 29.70
CA THR B 432 19.63 -12.47 28.53
C THR B 432 19.97 -11.04 28.85
N TYR B 433 20.93 -10.46 28.11
CA TYR B 433 21.46 -9.15 28.45
C TYR B 433 21.85 -8.48 27.14
N THR B 434 21.28 -7.31 26.87
CA THR B 434 21.44 -6.58 25.61
C THR B 434 21.03 -7.42 24.38
N GLN B 435 20.05 -8.31 24.59
CA GLN B 435 19.66 -9.31 23.62
C GLN B 435 18.91 -8.74 22.39
N HS8 B 436 18.56 -9.64 21.48
CA HS8 B 436 17.91 -9.35 20.23
CB HS8 B 436 18.93 -9.20 19.15
CG HS8 B 436 19.73 -7.95 19.21
ND1 HS8 B 436 20.56 -7.66 20.27
CE1 HS8 B 436 21.20 -6.52 20.01
NE2 HS8 B 436 20.60 -5.92 18.99
CD2 HS8 B 436 19.83 -6.89 18.36
C HS8 B 436 16.96 -10.46 19.79
O HS8 B 436 17.06 -11.59 20.22
O3 HS8 B 436 22.20 -3.44 18.76
S HS8 B 436 20.92 -4.10 18.51
O1 HS8 B 436 20.65 -4.01 17.09
O2 HS8 B 436 19.89 -3.38 19.32
N THR B 437 16.06 -10.12 18.87
CA THR B 437 15.22 -11.07 18.21
C THR B 437 14.63 -12.09 19.18
N ALA B 438 13.88 -11.57 20.15
CA ALA B 438 13.00 -12.38 20.99
C ALA B 438 11.77 -12.77 20.16
N TRP B 439 11.91 -13.85 19.40
CA TRP B 439 10.84 -14.36 18.56
C TRP B 439 10.27 -15.67 19.06
N ILE B 440 9.08 -16.02 18.56
CA ILE B 440 8.41 -17.26 18.85
C ILE B 440 8.70 -18.23 17.74
N SER B 441 9.25 -19.39 18.09
CA SER B 441 9.56 -20.43 17.12
C SER B 441 8.30 -21.19 16.72
N SER B 442 8.40 -21.95 15.63
CA SER B 442 7.34 -22.90 15.25
C SER B 442 7.01 -23.89 16.37
N LYS B 443 8.00 -24.21 17.20
CA LYS B 443 7.81 -25.07 18.39
C LYS B 443 6.93 -24.42 19.44
N GLY B 444 6.85 -23.09 19.40
CA GLY B 444 6.08 -22.34 20.37
C GLY B 444 6.92 -21.69 21.43
N THR B 445 8.22 -21.94 21.41
CA THR B 445 9.11 -21.46 22.45
C THR B 445 9.63 -20.06 22.12
N LEU B 446 10.29 -19.43 23.09
CA LEU B 446 10.92 -18.14 22.91
C LEU B 446 12.42 -18.25 22.61
N THR B 447 12.80 -17.97 21.38
CA THR B 447 14.20 -17.96 21.00
C THR B 447 14.74 -16.53 21.03
N ILE B 448 15.98 -16.36 21.49
CA ILE B 448 16.66 -15.09 21.68
C ILE B 448 18.15 -15.17 21.34
N PHE B 449 18.69 -14.10 20.80
CA PHE B 449 20.12 -13.96 20.65
C PHE B 449 20.61 -13.15 21.83
N ASP B 450 21.26 -13.86 22.75
CA ASP B 450 21.80 -13.25 23.97
C ASP B 450 23.18 -12.68 23.70
N ASN B 451 23.21 -11.43 23.27
CA ASN B 451 24.48 -10.77 22.91
C ASN B 451 25.52 -10.85 24.03
N GLY B 452 25.06 -10.56 25.24
CA GLY B 452 25.83 -10.69 26.45
C GLY B 452 26.65 -9.53 26.92
N ASP B 453 26.43 -8.36 26.36
CA ASP B 453 27.10 -7.17 26.92
C ASP B 453 26.41 -6.79 28.25
N GLY B 454 27.22 -6.35 29.21
CA GLY B 454 26.74 -6.10 30.58
C GLY B 454 26.10 -7.31 31.25
N ARG B 455 26.73 -8.47 31.07
CA ARG B 455 26.20 -9.71 31.61
C ARG B 455 26.26 -9.71 33.12
N HIS B 456 25.21 -10.22 33.73
CA HIS B 456 25.02 -10.17 35.20
C HIS B 456 25.15 -8.76 35.77
N LEU B 457 24.75 -7.78 34.95
CA LEU B 457 24.69 -6.35 35.30
C LEU B 457 26.01 -5.80 35.82
N GLU B 458 27.07 -6.13 35.10
CA GLU B 458 28.39 -5.54 35.33
C GLU B 458 29.25 -5.75 34.12
N GLN B 459 30.31 -4.97 33.99
CA GLN B 459 31.39 -5.31 33.07
C GLN B 459 32.39 -6.27 33.75
N PRO B 460 32.92 -7.25 33.01
CA PRO B 460 33.86 -8.23 33.55
C PRO B 460 35.20 -7.62 33.86
N ALA B 461 36.06 -8.40 34.51
CA ALA B 461 37.40 -7.96 34.95
C ALA B 461 38.27 -7.56 33.77
N LEU B 462 38.26 -8.41 32.73
CA LEU B 462 38.93 -8.08 31.47
C LEU B 462 37.93 -8.12 30.30
N PRO B 463 38.19 -7.27 29.29
CA PRO B 463 37.28 -7.06 28.14
C PRO B 463 36.91 -8.27 27.31
N THR B 464 37.84 -9.23 27.15
CA THR B 464 37.57 -10.43 26.35
C THR B 464 36.73 -11.46 27.10
N MET B 465 36.39 -11.18 28.36
CA MET B 465 35.60 -12.13 29.13
C MET B 465 34.11 -11.94 28.84
N LYS B 466 33.78 -12.00 27.55
CA LYS B 466 32.39 -11.87 27.09
C LYS B 466 32.07 -12.96 26.11
N TYR B 467 30.81 -13.32 26.08
CA TYR B 467 30.32 -14.34 25.17
C TYR B 467 28.86 -14.12 24.82
N SER B 468 28.45 -14.69 23.68
CA SER B 468 27.07 -14.60 23.22
C SER B 468 26.43 -15.99 23.24
N ARG B 469 25.10 -16.05 23.15
CA ARG B 469 24.41 -17.31 23.15
C ARG B 469 23.19 -17.29 22.22
N PHE B 470 22.97 -18.43 21.57
CA PHE B 470 21.68 -18.78 21.03
C PHE B 470 20.93 -19.48 22.15
N VAL B 471 19.96 -18.84 22.80
CA VAL B 471 19.17 -19.51 23.84
C VAL B 471 17.70 -19.68 23.46
N GLU B 472 17.06 -20.73 24.01
CA GLU B 472 15.65 -20.97 23.82
C GLU B 472 14.98 -21.28 25.16
N TYR B 473 13.92 -20.52 25.47
CA TYR B 473 13.14 -20.69 26.72
C TYR B 473 11.76 -21.26 26.46
N LYS B 474 11.26 -21.96 27.46
CA LYS B 474 9.89 -22.43 27.46
C LYS B 474 9.22 -21.67 28.58
N ILE B 475 8.06 -21.08 28.31
CA ILE B 475 7.40 -20.20 29.30
C ILE B 475 6.07 -20.78 29.69
N ASP B 476 5.83 -20.79 31.00
CA ASP B 476 4.54 -21.16 31.53
C ASP B 476 3.90 -19.86 32.06
N GLU B 477 2.93 -19.36 31.30
CA GLU B 477 2.36 -18.07 31.60
C GLU B 477 1.43 -18.09 32.80
N LYS B 478 0.59 -19.11 32.91
CA LYS B 478 -0.31 -19.22 34.04
C LYS B 478 0.49 -19.36 35.34
N LYS B 479 1.57 -20.15 35.30
CA LYS B 479 2.43 -20.36 36.48
C LYS B 479 3.45 -19.25 36.71
N GLY B 480 3.82 -18.57 35.63
CA GLY B 480 4.76 -17.46 35.71
C GLY B 480 6.20 -17.93 35.80
N THR B 481 6.48 -19.04 35.11
CA THR B 481 7.79 -19.68 35.19
C THR B 481 8.45 -19.75 33.82
N VAL B 482 9.77 -19.64 33.82
CA VAL B 482 10.57 -19.78 32.61
C VAL B 482 11.59 -20.91 32.78
N GLN B 483 11.71 -21.73 31.77
CA GLN B 483 12.69 -22.78 31.72
C GLN B 483 13.59 -22.66 30.49
N GLN B 484 14.88 -22.44 30.71
CA GLN B 484 15.87 -22.53 29.63
C GLN B 484 15.98 -23.94 29.11
N VAL B 485 15.75 -24.14 27.80
CA VAL B 485 15.67 -25.48 27.24
C VAL B 485 16.68 -25.79 26.15
N TRP B 486 17.59 -24.86 25.86
CA TRP B 486 18.55 -25.04 24.78
C TRP B 486 19.47 -23.81 24.77
N GLU B 487 20.76 -24.03 24.53
CA GLU B 487 21.72 -22.94 24.41
C GLU B 487 22.94 -23.34 23.61
N TYR B 488 23.73 -22.34 23.21
CA TYR B 488 24.86 -22.57 22.34
C TYR B 488 25.66 -21.33 22.21
N GLY B 489 26.98 -21.50 22.15
CA GLY B 489 27.94 -20.42 21.89
C GLY B 489 28.66 -19.93 23.12
N LYS B 490 28.13 -20.29 24.27
CA LYS B 490 28.77 -19.90 25.55
C LYS B 490 30.25 -20.33 25.64
N GLU B 491 30.55 -21.50 25.08
CA GLU B 491 31.92 -22.04 25.08
C GLU B 491 32.83 -21.41 24.05
N ARG B 492 32.30 -20.61 23.13
CA ARG B 492 33.10 -20.18 21.97
C ARG B 492 33.80 -18.87 22.19
N GLY B 493 33.53 -18.25 23.32
CA GLY B 493 34.25 -17.03 23.74
C GLY B 493 34.12 -15.80 22.87
N TYR B 494 35.04 -14.86 23.11
CA TYR B 494 35.08 -13.60 22.44
C TYR B 494 34.96 -13.73 20.94
N ASP B 495 35.60 -14.75 20.38
CA ASP B 495 35.60 -15.00 18.93
C ASP B 495 34.22 -15.32 18.36
N PHE B 496 33.23 -15.42 19.22
CA PHE B 496 31.85 -15.65 18.80
C PHE B 496 30.90 -14.67 19.55
N TYR B 497 31.44 -13.56 20.00
CA TYR B 497 30.72 -12.57 20.79
C TYR B 497 30.38 -11.44 19.84
N SER B 498 29.06 -11.21 19.70
CA SER B 498 28.51 -10.04 18.98
C SER B 498 27.96 -9.10 20.01
N PRO B 499 28.67 -8.01 20.29
CA PRO B 499 28.20 -7.05 21.28
C PRO B 499 26.85 -6.39 20.92
N ILE B 500 26.55 -6.29 19.61
CA ILE B 500 25.33 -5.67 19.06
C ILE B 500 24.75 -6.46 17.91
N THR B 501 23.58 -6.00 17.45
CA THR B 501 22.83 -6.57 16.34
C THR B 501 22.57 -8.04 16.58
N SER B 502 22.39 -8.78 15.46
CA SER B 502 22.38 -10.25 15.43
C SER B 502 21.01 -10.85 15.59
N ILE B 503 20.87 -12.12 15.21
CA ILE B 503 19.59 -12.82 15.19
C ILE B 503 19.73 -14.35 15.23
N ILE B 504 18.79 -15.03 15.90
CA ILE B 504 18.57 -16.47 15.63
C ILE B 504 17.12 -16.74 15.22
N GLU B 505 16.90 -17.91 14.62
CA GLU B 505 15.57 -18.38 14.29
C GLU B 505 15.60 -19.88 14.13
N TYR B 506 14.72 -20.58 14.84
CA TYR B 506 14.59 -22.03 14.68
C TYR B 506 14.05 -22.44 13.34
N GLN B 507 14.72 -23.42 12.71
CA GLN B 507 14.34 -23.97 11.40
C GLN B 507 13.79 -25.39 11.52
N ALA B 508 12.48 -25.52 11.49
CA ALA B 508 11.81 -26.82 11.66
C ALA B 508 12.21 -27.83 10.59
N ASP B 509 12.46 -27.38 9.38
CA ASP B 509 12.63 -28.28 8.23
C ASP B 509 13.82 -29.23 8.34
N ARG B 510 14.89 -28.75 8.97
CA ARG B 510 16.09 -29.58 9.15
C ARG B 510 16.54 -29.56 10.60
N ASN B 511 15.62 -29.14 11.48
CA ASN B 511 15.81 -29.20 12.92
C ASN B 511 17.15 -28.59 13.29
N THR B 512 17.38 -27.36 12.79
CA THR B 512 18.56 -26.58 13.12
C THR B 512 18.14 -25.27 13.76
N MET B 513 19.09 -24.66 14.44
CA MET B 513 18.94 -23.33 14.90
C MET B 513 19.83 -22.49 14.01
N PHE B 514 19.19 -21.55 13.32
CA PHE B 514 19.92 -20.63 12.45
C PHE B 514 20.34 -19.45 13.29
N GLY B 515 21.48 -18.88 12.96
CA GLY B 515 22.01 -17.72 13.72
C GLY B 515 22.89 -16.86 12.85
N PHE B 516 22.95 -15.59 13.18
CA PHE B 516 23.86 -14.64 12.54
C PHE B 516 24.43 -13.70 13.60
N GLY B 517 25.73 -13.80 13.82
CA GLY B 517 26.41 -12.94 14.72
C GLY B 517 26.99 -11.82 13.89
N GLY B 518 26.48 -10.61 14.13
CA GLY B 518 26.70 -9.53 13.23
C GLY B 518 27.81 -8.58 13.53
N SER B 519 28.35 -8.64 14.75
CA SER B 519 29.40 -7.70 15.16
C SER B 519 30.64 -8.36 15.75
N ILE B 520 30.95 -9.57 15.28
CA ILE B 520 32.13 -10.31 15.79
C ILE B 520 33.40 -9.51 15.39
N HIS B 521 34.25 -9.26 16.39
CA HIS B 521 35.46 -8.45 16.30
C HIS B 521 35.20 -7.01 15.95
N LEU B 522 34.01 -6.52 16.33
CA LEU B 522 33.68 -5.10 16.06
C LEU B 522 34.73 -4.16 16.58
N PHE B 523 35.24 -4.51 17.76
CA PHE B 523 36.17 -3.65 18.52
C PHE B 523 37.61 -3.91 18.22
N ASP B 524 37.85 -4.83 17.29
CA ASP B 524 39.18 -5.14 16.80
C ASP B 524 39.65 -4.07 15.79
N VAL B 525 40.23 -3.01 16.31
CA VAL B 525 40.63 -1.84 15.49
C VAL B 525 41.42 -2.18 14.25
N GLY B 526 40.93 -1.69 13.11
CA GLY B 526 41.55 -1.96 11.80
C GLY B 526 41.11 -3.25 11.17
N GLN B 527 40.33 -4.02 11.90
CA GLN B 527 39.89 -5.31 11.36
C GLN B 527 38.46 -5.28 10.81
N PRO B 528 38.26 -5.95 9.67
CA PRO B 528 36.93 -6.16 9.15
C PRO B 528 36.03 -6.78 10.20
N THR B 529 34.76 -6.34 10.31
CA THR B 529 33.83 -6.97 11.23
C THR B 529 33.31 -8.25 10.57
N VAL B 530 33.07 -9.26 11.40
CA VAL B 530 32.68 -10.55 10.90
C VAL B 530 31.20 -10.79 11.17
N GLY B 531 30.51 -11.19 10.11
CA GLY B 531 29.15 -11.65 10.25
C GLY B 531 29.20 -13.13 10.02
N LYS B 532 28.82 -13.88 11.03
CA LYS B 532 28.90 -15.32 10.96
C LYS B 532 27.54 -15.91 10.85
N LEU B 533 27.27 -16.45 9.67
CA LEU B 533 26.09 -17.26 9.43
C LEU B 533 26.34 -18.66 9.98
N ASN B 534 25.48 -19.11 10.87
CA ASN B 534 25.52 -20.48 11.41
C ASN B 534 24.22 -21.22 11.27
N GLU B 535 24.29 -22.52 11.03
CA GLU B 535 23.19 -23.46 11.28
C GLU B 535 23.75 -24.55 12.18
N ILE B 536 23.13 -24.70 13.35
CA ILE B 536 23.54 -25.61 14.40
C ILE B 536 22.48 -26.67 14.57
N ASP B 537 22.86 -27.94 14.41
CA ASP B 537 21.90 -29.04 14.58
C ASP B 537 21.32 -28.97 15.98
N TYR B 538 20.01 -29.10 16.08
CA TYR B 538 19.32 -28.83 17.31
C TYR B 538 19.52 -29.99 18.28
N LYS B 539 19.68 -31.20 17.76
CA LYS B 539 19.79 -32.40 18.62
C LYS B 539 21.25 -32.62 19.08
N THR B 540 22.19 -32.51 18.16
CA THR B 540 23.59 -32.81 18.43
C THR B 540 24.46 -31.59 18.70
N LYS B 541 23.92 -30.41 18.49
CA LYS B 541 24.68 -29.15 18.56
C LYS B 541 25.90 -29.07 17.64
N GLU B 542 25.84 -29.80 16.54
CA GLU B 542 26.90 -29.78 15.53
C GLU B 542 26.72 -28.66 14.53
N VAL B 543 27.82 -28.12 14.07
CA VAL B 543 27.82 -27.09 13.04
C VAL B 543 27.53 -27.67 11.63
N LYS B 544 26.34 -27.39 11.11
CA LYS B 544 25.96 -27.84 9.77
C LYS B 544 26.38 -26.83 8.69
N VAL B 545 26.30 -25.55 9.06
CA VAL B 545 26.76 -24.47 8.18
C VAL B 545 27.49 -23.44 8.99
N GLU B 546 28.62 -22.97 8.47
CA GLU B 546 29.25 -21.81 9.04
C GLU B 546 29.83 -20.98 7.94
N ILE B 547 29.29 -19.76 7.71
CA ILE B 547 29.83 -18.90 6.65
C ILE B 547 30.11 -17.50 7.20
N ASP B 548 31.29 -16.99 6.92
CA ASP B 548 31.68 -15.67 7.38
C ASP B 548 31.55 -14.61 6.30
N VAL B 549 30.99 -13.48 6.69
CA VAL B 549 30.90 -12.32 5.83
C VAL B 549 31.78 -11.27 6.49
N LEU B 550 32.68 -10.71 5.71
CA LEU B 550 33.59 -9.68 6.19
C LEU B 550 33.26 -8.31 5.61
N SER B 551 33.12 -7.36 6.50
CA SER B 551 32.73 -6.01 6.16
C SER B 551 33.75 -5.42 5.21
N ASP B 552 33.29 -4.57 4.30
CA ASP B 552 34.15 -3.89 3.32
C ASP B 552 34.92 -2.70 3.87
N LYS B 553 34.64 -2.33 5.11
CA LYS B 553 35.37 -1.29 5.82
C LYS B 553 35.52 -1.83 7.21
N PRO B 554 36.63 -1.45 7.88
CA PRO B 554 36.93 -1.92 9.21
C PRO B 554 35.91 -1.42 10.20
N ASN B 555 35.57 -2.27 11.16
CA ASN B 555 34.80 -1.84 12.32
C ASN B 555 33.43 -1.29 11.94
N GLN B 556 32.73 -2.12 11.19
CA GLN B 556 31.48 -1.79 10.55
C GLN B 556 30.54 -2.96 10.79
N THR B 557 29.62 -2.81 11.72
CA THR B 557 28.70 -3.89 12.05
C THR B 557 27.75 -4.32 10.89
N HIS B 558 27.31 -5.57 10.91
CA HIS B 558 26.26 -6.11 10.09
C HIS B 558 25.07 -6.09 10.96
N TYR B 559 23.87 -6.22 10.39
CA TYR B 559 22.68 -6.15 11.22
C TYR B 559 22.06 -7.53 11.43
N ARG B 560 21.62 -8.14 10.34
CA ARG B 560 20.88 -9.38 10.42
C ARG B 560 21.07 -10.16 9.17
N ALA B 561 20.53 -11.39 9.16
CA ALA B 561 20.47 -12.26 8.00
C ALA B 561 19.24 -13.11 8.13
N LEU B 562 18.82 -13.67 6.99
CA LEU B 562 17.62 -14.48 6.91
C LEU B 562 17.89 -15.67 6.04
N LEU B 563 17.28 -16.78 6.41
CA LEU B 563 17.30 -17.97 5.60
C LEU B 563 16.16 -17.83 4.65
N VAL B 564 16.48 -17.65 3.38
CA VAL B 564 15.46 -17.52 2.34
C VAL B 564 15.30 -18.78 1.47
N ARG B 565 14.06 -19.09 1.15
CA ARG B 565 13.71 -20.26 0.39
C ARG B 565 13.04 -19.87 -0.90
N PRO B 566 13.72 -20.12 -2.03
CA PRO B 566 13.23 -19.76 -3.36
C PRO B 566 11.87 -20.32 -3.71
N GLN B 567 11.51 -21.44 -3.09
CA GLN B 567 10.23 -22.13 -3.29
C GLN B 567 9.09 -21.20 -2.87
N GLN B 568 9.35 -20.35 -1.88
CA GLN B 568 8.37 -19.46 -1.30
C GLN B 568 8.35 -18.04 -1.91
N MET B 569 9.26 -17.72 -2.81
CA MET B 569 9.45 -16.35 -3.24
C MET B 569 8.41 -15.90 -4.24
N PHE B 570 7.89 -16.84 -5.01
CA PHE B 570 7.00 -16.53 -6.11
C PHE B 570 5.73 -17.35 -6.02
N LYS B 571 4.94 -17.04 -5.01
CA LYS B 571 3.56 -17.53 -4.86
C LYS B 571 2.72 -17.29 -6.17
C5 4MU C . -17.03 8.29 -23.92
C6 4MU C . -16.90 7.41 -22.88
C7 4MU C . -16.26 7.78 -21.69
C2 4MU C . -15.46 12.13 -23.26
C3 4MU C . -16.08 11.83 -24.53
C4 4MU C . -16.62 10.55 -24.81
O2 4MU C . -14.99 13.25 -23.02
O1 4MU C . -15.36 11.23 -22.24
CM4 4MU C . -17.31 10.07 -26.09
C4A 4MU C . -16.50 9.56 -23.72
C8A 4MU C . -15.85 9.96 -22.43
C8 4MU C . -15.77 9.04 -21.44
O1' 4MU C . -16.17 6.90 -20.73
S SO4 D . -10.13 -7.70 -36.17
O1 SO4 D . -9.82 -8.32 -34.88
O2 SO4 D . -11.42 -8.15 -36.65
O3 SO4 D . -10.27 -6.29 -36.02
O4 SO4 D . -9.10 -7.91 -37.17
S SO4 E . -30.56 9.58 8.77
O1 SO4 E . -30.31 8.83 10.03
O2 SO4 E . -31.55 8.94 7.94
O3 SO4 E . -31.10 10.91 9.13
O4 SO4 E . -29.33 9.56 8.00
S SO4 F . -13.39 6.68 21.72
O1 SO4 F . -13.71 6.54 23.13
O2 SO4 F . -14.19 5.82 20.89
O3 SO4 F . -13.53 8.08 21.27
O4 SO4 F . -12.00 6.34 21.55
C5 4MU G . 23.85 -0.03 18.87
C6 4MU G . 22.57 -0.54 18.84
C7 4MU G . 21.93 -0.84 17.62
C2 4MU G . 25.68 0.58 15.11
C3 4MU G . 26.41 0.91 16.28
C4 4MU G . 25.84 0.75 17.56
O2 4MU G . 26.14 0.72 13.95
O1 4MU G . 24.43 0.05 15.16
CM4 4MU G . 26.52 1.06 18.88
C4A 4MU G . 24.47 0.21 17.64
C8A 4MU G . 23.79 -0.13 16.36
C8 4MU G . 22.53 -0.68 16.40
O1' 4MU G . 20.71 -1.32 17.61
S SO4 H . 14.09 12.58 33.51
O1 SO4 H . 13.79 12.11 34.85
O2 SO4 H . 12.99 12.13 32.67
O3 SO4 H . 14.36 14.02 33.48
O4 SO4 H . 15.31 11.97 33.07
S SO4 I . 13.92 -30.03 2.98
O1 SO4 I . 13.86 -30.41 4.39
O2 SO4 I . 12.88 -30.65 2.19
O3 SO4 I . 13.82 -28.56 2.92
O4 SO4 I . 15.18 -30.55 2.40
S SO4 J . -0.40 -23.60 -12.11
O1 SO4 J . -0.47 -23.56 -10.65
O2 SO4 J . -0.65 -24.96 -12.64
O3 SO4 J . -1.49 -22.75 -12.66
O4 SO4 J . 0.92 -23.12 -12.57
#